data_5FY7
#
_entry.id   5FY7
#
_cell.length_a   91.690
_cell.length_b   110.770
_cell.length_c   119.930
_cell.angle_alpha   90.00
_cell.angle_beta   90.00
_cell.angle_gamma   90.00
#
_symmetry.space_group_name_H-M   'P 21 21 21'
#
loop_
_entity.id
_entity.type
_entity.pdbx_description
1 polymer 'HISTONE DEMETHYLASE UTY'
2 non-polymer 'MANGANESE (II) ION'
3 non-polymer 'SUCCINIC ACID'
4 non-polymer 1,2-ETHANEDIOL
5 non-polymer 'ZINC ION'
6 water water
#
_entity_poly.entity_id   1
_entity_poly.type   'polypeptide(L)'
_entity_poly.pdbx_seq_one_letter_code
;MLPKDKLNPPTPSIYLENKRDAFFPPLHQFCTNPKNPVTVIRGLAGALKLDLGLFSTKTLVEANNEHMVEVRTQLLQPAD
ENWDPTGTKKIWRCESNRSHTTIAKYAQYQASSFQESLREENEKRTQHKDHSDNESTSSENSGRRRKGPFKTIKFGTNID
LSDNKKWKLQLHELTKLPAFARVVSAGNLLTHVGHTILGMNTVQLYMKVPGSRTPGHQENNNFCSVNINIGPGDCEWFVV
PEDYWGVLNDFCEKNNLNFLMSSWWPNLEDLYEANVPVYRFIQRPGDLVWINAGTVHWVQAVGWCNNIAWNVGPLTACQY
KLAVERYEWNKLKSVKSPVPMVHLSWNMARNIKVSDPKLFEMIKYCLLKILKQYQTLREALVAAGKEVIWHGRTNDEPAH
YCSICEVEVFNLLFVTNESNTQKTYIVHCHDCARKTSKSLENFVVLEQYKMEDLIQVYDQFTLALSLSSSSAENLYFQ
;
_entity_poly.pdbx_strand_id   A,B
#
# COMPACT_ATOMS: atom_id res chain seq x y z
N LYS A 4 2.63 39.88 -2.90
CA LYS A 4 2.92 38.92 -1.85
C LYS A 4 3.86 37.82 -2.36
N ASP A 5 4.84 37.45 -1.53
CA ASP A 5 5.72 36.32 -1.83
C ASP A 5 4.92 35.03 -1.72
N LYS A 6 3.82 35.11 -0.96
CA LYS A 6 2.91 34.01 -0.80
C LYS A 6 2.15 33.75 -2.10
N LEU A 7 2.25 34.69 -3.04
CA LEU A 7 1.59 34.54 -4.33
C LEU A 7 2.48 33.80 -5.34
N ASN A 8 3.73 33.54 -4.94
CA ASN A 8 4.65 32.71 -5.71
C ASN A 8 5.33 31.66 -4.82
N PRO A 9 4.53 30.70 -4.30
CA PRO A 9 5.02 29.73 -3.31
C PRO A 9 6.07 28.77 -3.87
N PRO A 10 6.88 28.16 -3.00
CA PRO A 10 7.84 27.18 -3.50
C PRO A 10 7.13 25.88 -3.93
N THR A 11 7.77 25.11 -4.81
CA THR A 11 7.24 23.83 -5.27
C THR A 11 7.48 22.70 -4.26
N PRO A 12 6.41 22.01 -3.85
CA PRO A 12 6.61 20.79 -3.04
C PRO A 12 7.38 19.77 -3.88
N SER A 13 8.59 19.46 -3.44
N SER A 13 8.58 19.41 -3.44
CA SER A 13 9.48 18.61 -4.21
CA SER A 13 9.52 18.67 -4.30
C SER A 13 10.03 17.50 -3.34
C SER A 13 10.41 17.67 -3.55
N ILE A 14 10.37 16.41 -4.00
CA ILE A 14 11.09 15.29 -3.38
C ILE A 14 12.17 14.79 -4.35
N TYR A 15 13.42 14.67 -3.92
N TYR A 15 13.35 14.49 -3.81
CA TYR A 15 14.40 14.05 -4.83
CA TYR A 15 14.51 14.09 -4.61
C TYR A 15 14.71 12.64 -4.37
C TYR A 15 14.91 12.61 -4.39
N LEU A 16 14.58 11.72 -5.32
CA LEU A 16 14.88 10.29 -5.13
C LEU A 16 16.27 9.93 -5.63
N GLU A 17 16.96 9.08 -4.86
CA GLU A 17 18.28 8.55 -5.25
C GLU A 17 18.23 7.09 -5.68
N ASN A 18 17.39 6.29 -5.01
CA ASN A 18 17.38 4.84 -5.22
C ASN A 18 16.00 4.24 -5.03
N LYS A 19 15.91 2.92 -5.19
CA LYS A 19 14.61 2.23 -5.07
C LYS A 19 14.01 2.34 -3.68
N ARG A 20 14.87 2.37 -2.65
CA ARG A 20 14.35 2.54 -1.29
C ARG A 20 13.57 3.85 -1.13
N ASP A 21 14.11 4.94 -1.66
CA ASP A 21 13.42 6.24 -1.62
C ASP A 21 12.06 6.17 -2.33
N ALA A 22 12.03 5.46 -3.46
CA ALA A 22 10.80 5.40 -4.26
C ALA A 22 9.70 4.58 -3.56
N PHE A 23 10.10 3.55 -2.81
CA PHE A 23 9.14 2.66 -2.15
C PHE A 23 8.88 3.02 -0.68
N PHE A 24 9.48 4.12 -0.23
CA PHE A 24 9.29 4.65 1.12
C PHE A 24 7.87 5.17 1.31
N PRO A 25 7.13 4.61 2.29
CA PRO A 25 5.71 4.99 2.44
C PRO A 25 5.41 6.49 2.69
N PRO A 26 6.25 7.21 3.44
CA PRO A 26 5.94 8.64 3.55
C PRO A 26 5.89 9.44 2.21
N LEU A 27 6.42 8.89 1.13
CA LEU A 27 6.30 9.54 -0.18
C LEU A 27 4.84 9.49 -0.68
N HIS A 28 4.22 8.33 -0.54
CA HIS A 28 2.80 8.11 -0.86
C HIS A 28 1.89 9.08 -0.10
N GLN A 29 2.13 9.20 1.20
CA GLN A 29 1.34 10.09 2.06
C GLN A 29 1.55 11.58 1.73
N PHE A 30 2.77 11.95 1.36
CA PHE A 30 3.03 13.32 0.93
C PHE A 30 2.22 13.68 -0.33
N CYS A 31 2.22 12.80 -1.32
CA CYS A 31 1.52 13.10 -2.57
C CYS A 31 0.00 13.28 -2.38
N THR A 32 -0.61 12.47 -1.53
CA THR A 32 -2.08 12.48 -1.45
C THR A 32 -2.61 13.46 -0.39
N ASN A 33 -1.68 14.13 0.29
CA ASN A 33 -2.04 15.14 1.28
C ASN A 33 -2.67 16.37 0.62
N PRO A 34 -3.92 16.69 0.99
CA PRO A 34 -4.66 17.80 0.35
C PRO A 34 -3.94 19.14 0.41
N LYS A 35 -3.00 19.30 1.34
CA LYS A 35 -2.27 20.55 1.46
C LYS A 35 -1.22 20.72 0.35
N ASN A 36 -0.87 19.62 -0.32
CA ASN A 36 0.09 19.66 -1.43
C ASN A 36 -0.64 19.56 -2.77
N PRO A 37 -0.86 20.71 -3.43
CA PRO A 37 -1.64 20.74 -4.68
C PRO A 37 -0.95 19.99 -5.81
N VAL A 38 0.38 19.97 -5.76
CA VAL A 38 1.20 19.26 -6.74
C VAL A 38 2.45 18.74 -6.03
N THR A 39 2.97 17.58 -6.43
CA THR A 39 4.27 17.10 -5.93
C THR A 39 5.19 16.75 -7.09
N VAL A 40 6.40 17.32 -7.12
CA VAL A 40 7.35 16.99 -8.18
C VAL A 40 8.34 15.97 -7.64
N ILE A 41 8.32 14.77 -8.21
CA ILE A 41 9.19 13.69 -7.75
C ILE A 41 10.42 13.65 -8.65
N ARG A 42 11.50 14.30 -8.22
CA ARG A 42 12.66 14.47 -9.07
C ARG A 42 13.56 13.24 -9.06
N GLY A 43 14.06 12.87 -10.23
CA GLY A 43 14.95 11.73 -10.37
C GLY A 43 14.29 10.37 -10.32
N LEU A 44 12.97 10.33 -10.54
CA LEU A 44 12.20 9.10 -10.38
C LEU A 44 12.67 7.99 -11.33
N ALA A 45 12.84 8.30 -12.60
CA ALA A 45 13.26 7.29 -13.58
C ALA A 45 14.65 6.70 -13.26
N GLY A 46 15.58 7.55 -12.89
CA GLY A 46 16.93 7.14 -12.52
C GLY A 46 16.96 6.26 -11.28
N ALA A 47 16.14 6.60 -10.30
CA ALA A 47 16.06 5.83 -9.06
C ALA A 47 15.55 4.41 -9.29
N LEU A 48 14.64 4.25 -10.25
CA LEU A 48 14.06 2.93 -10.56
C LEU A 48 14.77 2.23 -11.71
N LYS A 49 15.71 2.90 -12.34
CA LYS A 49 16.33 2.47 -13.60
C LYS A 49 15.28 2.20 -14.67
N LEU A 50 14.29 3.09 -14.76
CA LEU A 50 13.26 2.99 -15.80
C LEU A 50 13.85 3.24 -17.18
N ASP A 51 13.56 2.38 -18.16
CA ASP A 51 14.11 2.61 -19.50
C ASP A 51 13.25 3.60 -20.28
N LEU A 52 13.60 4.89 -20.20
CA LEU A 52 12.86 5.92 -20.91
C LEU A 52 12.99 5.80 -22.44
N GLY A 53 13.99 5.06 -22.90
CA GLY A 53 14.19 4.82 -24.32
C GLY A 53 13.06 4.07 -25.02
N LEU A 54 12.25 3.37 -24.24
CA LEU A 54 11.11 2.65 -24.81
C LEU A 54 10.05 3.64 -25.33
N PHE A 55 10.13 4.89 -24.88
CA PHE A 55 9.19 5.92 -25.31
C PHE A 55 9.85 7.00 -26.18
N SER A 56 11.08 6.76 -26.63
CA SER A 56 11.71 7.69 -27.57
C SER A 56 10.95 7.64 -28.90
N THR A 57 11.00 8.74 -29.64
CA THR A 57 10.31 8.80 -30.93
C THR A 57 10.82 7.70 -31.87
N LYS A 58 12.13 7.45 -31.85
CA LYS A 58 12.70 6.38 -32.69
C LYS A 58 12.06 5.03 -32.39
N THR A 59 11.93 4.68 -31.12
CA THR A 59 11.28 3.44 -30.73
C THR A 59 9.79 3.42 -31.10
N LEU A 60 9.12 4.56 -30.97
CA LEU A 60 7.68 4.59 -31.24
C LEU A 60 7.40 4.39 -32.73
N VAL A 61 8.24 4.98 -33.58
CA VAL A 61 8.10 4.80 -35.03
C VAL A 61 8.25 3.33 -35.42
N GLU A 62 9.28 2.67 -34.89
CA GLU A 62 9.50 1.24 -35.15
C GLU A 62 8.31 0.38 -34.71
N ALA A 63 7.72 0.73 -33.56
CA ALA A 63 6.68 -0.10 -32.98
C ALA A 63 5.34 -0.09 -33.75
N ASN A 64 4.84 1.10 -34.06
CA ASN A 64 3.53 1.29 -34.71
C ASN A 64 3.52 2.57 -35.51
N ASN A 65 4.10 2.55 -36.71
CA ASN A 65 4.34 3.80 -37.43
C ASN A 65 3.06 4.45 -37.96
N GLU A 66 1.99 3.68 -38.09
CA GLU A 66 0.74 4.21 -38.61
C GLU A 66 -0.26 4.60 -37.51
N HIS A 67 0.22 4.62 -36.26
CA HIS A 67 -0.68 4.90 -35.13
C HIS A 67 -1.20 6.34 -35.19
N MET A 68 -2.45 6.55 -34.76
CA MET A 68 -3.07 7.87 -34.87
C MET A 68 -2.53 8.86 -33.85
N VAL A 69 -2.42 10.12 -34.26
CA VAL A 69 -1.97 11.23 -33.44
C VAL A 69 -2.91 12.42 -33.65
N GLU A 70 -3.46 12.98 -32.57
CA GLU A 70 -4.23 14.23 -32.67
C GLU A 70 -3.28 15.42 -32.72
N VAL A 71 -3.43 16.29 -33.73
CA VAL A 71 -2.56 17.44 -33.89
C VAL A 71 -3.25 18.71 -33.42
N ARG A 72 -2.55 19.51 -32.62
CA ARG A 72 -3.01 20.87 -32.34
C ARG A 72 -2.05 21.84 -33.02
N THR A 73 -2.59 22.69 -33.88
CA THR A 73 -1.79 23.73 -34.51
C THR A 73 -1.95 25.01 -33.70
N GLN A 74 -0.83 25.57 -33.24
CA GLN A 74 -0.81 26.67 -32.27
C GLN A 74 0.19 27.73 -32.70
N LEU A 75 0.16 28.88 -32.01
CA LEU A 75 1.17 29.91 -32.21
C LEU A 75 2.31 29.72 -31.21
N LEU A 76 3.54 30.00 -31.64
CA LEU A 76 4.68 29.93 -30.74
C LEU A 76 4.83 31.23 -29.95
N GLN A 77 4.35 31.23 -28.71
CA GLN A 77 4.24 32.45 -27.91
C GLN A 77 5.43 32.62 -26.98
N PRO A 78 5.76 33.87 -26.59
CA PRO A 78 6.95 34.13 -25.78
C PRO A 78 6.77 33.82 -24.29
N ALA A 79 7.76 33.17 -23.70
CA ALA A 79 7.78 32.86 -22.27
C ALA A 79 6.42 32.37 -21.74
N ASP A 80 5.87 33.11 -20.78
CA ASP A 80 4.65 32.70 -20.08
C ASP A 80 3.41 33.47 -20.50
N GLU A 81 3.43 34.07 -21.68
CA GLU A 81 2.38 35.00 -22.09
C GLU A 81 1.51 34.44 -23.20
N ASN A 82 0.34 35.06 -23.42
CA ASN A 82 -0.53 34.74 -24.55
C ASN A 82 -1.13 35.99 -25.17
N TRP A 83 -0.67 36.34 -26.37
CA TRP A 83 -1.07 37.57 -27.05
C TRP A 83 -2.13 37.32 -28.11
N ASP A 84 -3.02 38.30 -28.34
CA ASP A 84 -3.90 38.23 -29.49
C ASP A 84 -3.04 38.21 -30.76
N PRO A 85 -3.59 37.69 -31.87
CA PRO A 85 -2.76 37.52 -33.07
C PRO A 85 -2.06 38.81 -33.52
N THR A 86 -2.67 39.97 -33.27
CA THR A 86 -2.13 41.26 -33.70
C THR A 86 -0.94 41.74 -32.88
N GLY A 87 -0.79 41.20 -31.66
CA GLY A 87 0.33 41.56 -30.80
C GLY A 87 0.07 42.81 -29.99
N THR A 88 -1.20 43.11 -29.76
CA THR A 88 -1.61 44.35 -29.11
C THR A 88 -1.81 44.18 -27.61
N LYS A 89 -2.51 43.13 -27.22
CA LYS A 89 -2.81 42.91 -25.80
C LYS A 89 -2.77 41.43 -25.43
N LYS A 90 -2.50 41.16 -24.15
CA LYS A 90 -2.53 39.79 -23.65
C LYS A 90 -3.97 39.38 -23.36
N ILE A 91 -4.37 38.21 -23.88
CA ILE A 91 -5.72 37.70 -23.72
C ILE A 91 -5.73 36.22 -23.27
N TRP A 92 -6.86 35.76 -22.74
CA TRP A 92 -6.96 34.38 -22.25
C TRP A 92 -7.21 33.35 -23.36
N ARG A 93 -7.91 33.73 -24.42
CA ARG A 93 -8.25 32.79 -25.50
C ARG A 93 -7.02 32.28 -26.26
N CYS A 94 -6.96 30.96 -26.42
N CYS A 94 -6.96 30.97 -26.50
CA CYS A 94 -5.93 30.30 -27.20
CA CYS A 94 -5.76 30.31 -27.07
C CYS A 94 -6.40 30.04 -28.60
C CYS A 94 -6.04 29.59 -28.42
N GLU A 95 -5.45 30.07 -29.53
CA GLU A 95 -5.65 29.49 -30.85
C GLU A 95 -5.11 28.05 -30.89
N SER A 96 -5.95 27.07 -31.21
CA SER A 96 -5.53 25.66 -31.12
C SER A 96 -6.32 24.72 -32.05
N ASN A 97 -6.09 24.85 -33.37
CA ASN A 97 -6.87 24.10 -34.37
C ASN A 97 -6.52 22.61 -34.49
N ARG A 98 -7.52 21.78 -34.73
N ARG A 98 -7.52 21.78 -34.73
CA ARG A 98 -7.38 20.32 -34.63
CA ARG A 98 -7.36 20.33 -34.64
C ARG A 98 -7.35 19.59 -35.97
C ARG A 98 -7.29 19.63 -36.00
N SER A 99 -6.46 18.61 -36.08
CA SER A 99 -6.39 17.73 -37.24
C SER A 99 -5.82 16.39 -36.78
N HIS A 100 -5.62 15.46 -37.70
CA HIS A 100 -5.05 14.16 -37.37
C HIS A 100 -3.77 13.87 -38.19
N THR A 101 -2.87 13.06 -37.65
CA THR A 101 -1.74 12.54 -38.42
C THR A 101 -1.34 11.18 -37.86
N THR A 102 -0.16 10.69 -38.23
CA THR A 102 0.36 9.42 -37.74
C THR A 102 1.66 9.65 -36.95
N ILE A 103 2.06 8.66 -36.15
CA ILE A 103 3.33 8.76 -35.42
C ILE A 103 4.49 8.99 -36.39
N ALA A 104 4.50 8.25 -37.51
CA ALA A 104 5.58 8.37 -38.48
C ALA A 104 5.67 9.79 -39.06
N LYS A 105 4.53 10.37 -39.40
CA LYS A 105 4.55 11.71 -39.97
C LYS A 105 4.89 12.79 -38.94
N TYR A 106 4.35 12.68 -37.73
CA TYR A 106 4.69 13.68 -36.71
C TYR A 106 6.18 13.59 -36.38
N ALA A 107 6.72 12.38 -36.36
CA ALA A 107 8.14 12.15 -36.05
C ALA A 107 9.06 12.87 -37.03
N GLN A 108 8.69 12.83 -38.31
CA GLN A 108 9.43 13.50 -39.37
C GLN A 108 9.47 15.01 -39.09
N TYR A 109 8.34 15.55 -38.66
CA TYR A 109 8.21 16.96 -38.34
C TYR A 109 9.00 17.35 -37.07
N GLN A 110 8.91 16.54 -36.01
CA GLN A 110 9.66 16.77 -34.78
C GLN A 110 11.16 16.85 -35.08
N ALA A 111 11.67 15.89 -35.86
CA ALA A 111 13.10 15.88 -36.17
C ALA A 111 13.50 17.04 -37.09
N SER A 112 12.71 17.33 -38.11
CA SER A 112 13.12 18.38 -39.04
C SER A 112 13.03 19.75 -38.37
N SER A 113 12.13 19.88 -37.40
CA SER A 113 12.00 21.09 -36.60
C SER A 113 13.30 21.41 -35.82
N PHE A 114 13.89 20.38 -35.24
CA PHE A 114 15.16 20.54 -34.52
C PHE A 114 16.32 20.88 -35.46
N GLN A 115 16.41 20.18 -36.60
CA GLN A 115 17.46 20.49 -37.58
C GLN A 115 17.36 21.95 -38.07
N GLU A 116 16.15 22.44 -38.36
CA GLU A 116 15.97 23.83 -38.79
C GLU A 116 16.41 24.86 -37.77
N SER A 117 16.14 24.57 -36.49
CA SER A 117 16.54 25.45 -35.39
C SER A 117 18.07 25.50 -35.25
N LEU A 118 18.73 24.39 -35.55
CA LEU A 118 20.21 24.39 -35.51
C LEU A 118 20.79 25.31 -36.59
N ARG A 119 20.17 25.30 -37.77
CA ARG A 119 20.65 26.11 -38.88
C ARG A 119 20.39 27.58 -38.63
N GLU A 120 19.24 27.88 -38.02
CA GLU A 120 18.90 29.25 -37.68
C GLU A 120 19.89 29.80 -36.68
N GLU A 121 20.23 28.97 -35.69
CA GLU A 121 21.21 29.30 -34.65
C GLU A 121 22.59 29.56 -35.27
N ASN A 122 22.80 29.07 -36.49
CA ASN A 122 24.06 29.26 -37.21
C ASN A 122 23.95 30.23 -38.39
N GLU A 123 22.82 30.92 -38.50
CA GLU A 123 22.68 31.98 -39.49
C GLU A 123 23.12 33.30 -38.86
N LYS A 124 23.35 33.25 -37.55
CA LYS A 124 23.77 34.41 -36.75
C LYS A 124 22.73 35.53 -36.79
N ARG A 125 23.14 36.74 -36.42
CA ARG A 125 22.20 37.86 -36.32
C ARG A 125 22.00 38.55 -37.66
N ARG A 145 1.35 47.22 -33.05
CA ARG A 145 1.74 45.84 -32.78
C ARG A 145 2.99 45.79 -31.91
N ARG A 146 2.79 45.61 -30.61
CA ARG A 146 3.91 45.63 -29.66
C ARG A 146 4.72 44.35 -29.67
N LYS A 147 4.13 43.26 -30.15
CA LYS A 147 4.82 41.97 -30.12
C LYS A 147 4.42 41.09 -31.30
N GLY A 148 5.28 40.11 -31.61
CA GLY A 148 5.05 39.26 -32.76
C GLY A 148 5.67 39.83 -34.02
N PRO A 149 5.20 39.41 -35.20
CA PRO A 149 4.16 38.39 -35.40
C PRO A 149 4.65 36.97 -35.09
N PHE A 150 3.74 36.06 -34.79
CA PHE A 150 4.16 34.74 -34.28
C PHE A 150 4.11 33.63 -35.33
N LYS A 151 5.07 32.72 -35.20
CA LYS A 151 5.16 31.50 -36.00
C LYS A 151 4.14 30.42 -35.57
N THR A 152 3.82 29.53 -36.49
CA THR A 152 2.94 28.39 -36.24
C THR A 152 3.71 27.10 -35.91
N ILE A 153 3.25 26.35 -34.91
CA ILE A 153 3.84 25.06 -34.56
C ILE A 153 2.77 23.97 -34.40
N LYS A 154 3.20 22.71 -34.42
CA LYS A 154 2.30 21.58 -34.25
C LYS A 154 2.67 20.71 -33.04
N PHE A 155 1.65 20.27 -32.31
CA PHE A 155 1.77 19.52 -31.05
C PHE A 155 1.00 18.21 -31.22
N GLY A 156 1.67 17.07 -31.08
CA GLY A 156 1.02 15.77 -31.15
C GLY A 156 0.49 15.33 -29.78
N THR A 157 -0.83 15.26 -29.64
N THR A 157 -0.82 15.28 -29.62
CA THR A 157 -1.45 15.05 -28.34
CA THR A 157 -1.38 15.05 -28.29
C THR A 157 -2.34 13.81 -28.26
C THR A 157 -2.40 13.90 -28.24
N ASN A 158 -2.66 13.41 -27.03
CA ASN A 158 -3.64 12.33 -26.78
C ASN A 158 -3.43 11.06 -27.58
N ILE A 159 -2.20 10.58 -27.65
CA ILE A 159 -1.92 9.36 -28.40
C ILE A 159 -2.27 8.15 -27.53
N ASP A 160 -3.10 7.25 -28.07
CA ASP A 160 -3.72 6.17 -27.29
C ASP A 160 -2.85 4.94 -27.19
N LEU A 161 -2.31 4.68 -25.98
CA LEU A 161 -1.46 3.51 -25.74
C LEU A 161 -2.19 2.41 -24.93
N SER A 162 -3.49 2.22 -25.17
CA SER A 162 -4.26 1.23 -24.42
C SER A 162 -4.06 -0.22 -24.86
N ASP A 163 -3.65 -0.44 -26.11
CA ASP A 163 -3.56 -1.81 -26.62
C ASP A 163 -2.29 -2.54 -26.14
N ASN A 164 -2.48 -3.51 -25.26
CA ASN A 164 -1.36 -4.26 -24.69
C ASN A 164 -0.63 -5.14 -25.70
N LYS A 165 -1.30 -5.48 -26.81
CA LYS A 165 -0.61 -6.20 -27.88
C LYS A 165 0.34 -5.27 -28.65
N LYS A 166 -0.05 -4.02 -28.85
CA LYS A 166 0.77 -3.10 -29.64
C LYS A 166 1.89 -2.46 -28.82
N TRP A 167 1.70 -2.39 -27.51
CA TRP A 167 2.62 -1.65 -26.65
C TRP A 167 3.08 -2.48 -25.45
N LYS A 168 3.30 -3.77 -25.67
CA LYS A 168 3.60 -4.71 -24.59
C LYS A 168 4.77 -4.24 -23.72
N LEU A 169 5.90 -3.92 -24.34
CA LEU A 169 7.12 -3.60 -23.59
C LEU A 169 7.02 -2.25 -22.88
N GLN A 170 6.35 -1.28 -23.50
CA GLN A 170 6.09 0.03 -22.90
C GLN A 170 5.25 -0.06 -21.63
N LEU A 171 4.14 -0.81 -21.68
CA LEU A 171 3.25 -0.89 -20.55
C LEU A 171 3.87 -1.71 -19.41
N HIS A 172 4.67 -2.71 -19.76
CA HIS A 172 5.34 -3.51 -18.73
C HIS A 172 6.32 -2.68 -17.91
N GLU A 173 6.95 -1.71 -18.54
CA GLU A 173 7.98 -0.90 -17.87
C GLU A 173 7.33 -0.04 -16.77
N LEU A 174 6.11 0.42 -17.00
CA LEU A 174 5.39 1.21 -16.01
C LEU A 174 4.93 0.40 -14.79
N THR A 175 5.03 -0.93 -14.84
CA THR A 175 4.68 -1.72 -13.65
C THR A 175 5.84 -1.70 -12.63
N LYS A 176 6.98 -1.12 -13.01
CA LYS A 176 8.10 -0.97 -12.10
C LYS A 176 7.88 0.17 -11.10
N LEU A 177 6.86 1.01 -11.34
CA LEU A 177 6.54 2.11 -10.43
C LEU A 177 6.01 1.61 -9.08
N PRO A 178 6.18 2.42 -8.02
CA PRO A 178 5.50 2.12 -6.75
C PRO A 178 4.01 2.05 -6.95
N ALA A 179 3.32 1.18 -6.21
CA ALA A 179 1.95 0.82 -6.47
C ALA A 179 1.00 2.01 -6.55
N PHE A 180 1.20 3.00 -5.70
CA PHE A 180 0.25 4.11 -5.65
C PHE A 180 0.22 4.91 -6.95
N ALA A 181 1.29 4.83 -7.74
CA ALA A 181 1.38 5.60 -8.99
C ALA A 181 1.05 4.79 -10.25
N ARG A 182 0.81 3.49 -10.12
CA ARG A 182 0.59 2.62 -11.27
C ARG A 182 -0.76 2.88 -11.96
N VAL A 183 -0.85 2.53 -13.24
CA VAL A 183 -2.13 2.59 -13.99
C VAL A 183 -3.18 1.66 -13.37
N VAL A 184 -2.72 0.51 -12.88
CA VAL A 184 -3.58 -0.49 -12.24
C VAL A 184 -3.07 -0.85 -10.85
N SER A 185 -3.93 -0.75 -9.83
CA SER A 185 -3.58 -1.20 -8.48
C SER A 185 -4.80 -1.31 -7.59
N ALA A 186 -4.69 -2.14 -6.56
CA ALA A 186 -5.79 -2.42 -5.65
C ALA A 186 -6.28 -1.17 -4.93
N GLY A 187 -5.40 -0.19 -4.76
CA GLY A 187 -5.78 1.03 -4.10
C GLY A 187 -6.26 2.14 -5.03
N ASN A 188 -6.50 1.80 -6.30
CA ASN A 188 -6.88 2.80 -7.31
C ASN A 188 -8.38 2.70 -7.62
N LEU A 189 -9.14 3.74 -7.28
CA LEU A 189 -10.59 3.78 -7.58
C LEU A 189 -10.91 3.49 -9.05
N LEU A 190 -10.04 3.93 -9.96
CA LEU A 190 -10.25 3.69 -11.39
C LEU A 190 -10.00 2.23 -11.78
N THR A 191 -9.30 1.49 -10.93
CA THR A 191 -9.22 0.04 -11.12
C THR A 191 -10.54 -0.61 -10.71
N HIS A 192 -11.25 0.01 -9.77
CA HIS A 192 -12.47 -0.58 -9.24
C HIS A 192 -13.73 -0.23 -10.03
N VAL A 193 -13.61 0.68 -10.99
CA VAL A 193 -14.69 0.97 -11.93
C VAL A 193 -15.09 -0.30 -12.66
N GLY A 194 -14.10 -1.13 -12.99
CA GLY A 194 -14.35 -2.45 -13.56
C GLY A 194 -14.32 -2.54 -15.07
N HIS A 195 -14.17 -1.39 -15.74
CA HIS A 195 -14.04 -1.36 -17.19
C HIS A 195 -13.15 -0.21 -17.65
N THR A 196 -12.80 -0.21 -18.93
CA THR A 196 -11.88 0.77 -19.50
C THR A 196 -12.49 2.16 -19.63
N ILE A 197 -11.78 3.16 -19.15
CA ILE A 197 -12.12 4.56 -19.41
C ILE A 197 -10.94 5.17 -20.14
N LEU A 198 -11.09 5.35 -21.44
CA LEU A 198 -9.97 5.73 -22.30
C LEU A 198 -9.24 7.00 -21.85
N GLY A 199 -7.93 6.88 -21.60
CA GLY A 199 -7.11 8.02 -21.23
C GLY A 199 -7.01 8.27 -19.72
N MET A 200 -7.83 7.54 -18.96
CA MET A 200 -7.85 7.65 -17.51
C MET A 200 -7.23 6.40 -16.88
N ASN A 201 -7.83 5.22 -17.07
CA ASN A 201 -7.10 4.03 -16.66
C ASN A 201 -6.40 3.36 -17.85
N THR A 202 -6.05 4.17 -18.85
CA THR A 202 -5.13 3.78 -19.92
C THR A 202 -4.14 4.92 -20.17
N VAL A 203 -2.96 4.60 -20.70
CA VAL A 203 -1.88 5.60 -20.85
C VAL A 203 -2.03 6.46 -22.11
N GLN A 204 -1.82 7.78 -21.95
CA GLN A 204 -1.78 8.72 -23.07
C GLN A 204 -0.36 9.20 -23.32
N LEU A 205 -0.02 9.40 -24.59
CA LEU A 205 1.31 9.87 -24.97
C LEU A 205 1.25 11.22 -25.72
N TYR A 206 2.27 12.05 -25.51
CA TYR A 206 2.38 13.39 -26.08
C TYR A 206 3.74 13.57 -26.75
N MET A 207 3.74 14.06 -27.99
CA MET A 207 5.01 14.31 -28.72
C MET A 207 5.12 15.80 -29.03
N LYS A 208 6.27 16.41 -28.73
CA LYS A 208 6.36 17.87 -28.67
C LYS A 208 7.53 18.52 -29.40
N VAL A 209 7.33 19.79 -29.77
CA VAL A 209 8.38 20.73 -30.18
C VAL A 209 8.27 21.94 -29.23
N PRO A 210 9.33 22.77 -29.12
CA PRO A 210 9.25 23.95 -28.24
C PRO A 210 8.01 24.79 -28.45
N GLY A 211 7.35 25.17 -27.36
CA GLY A 211 6.11 25.96 -27.42
C GLY A 211 4.80 25.18 -27.41
N SER A 212 4.88 23.85 -27.54
CA SER A 212 3.69 23.01 -27.49
C SER A 212 2.95 23.14 -26.15
N ARG A 213 1.68 23.57 -26.20
CA ARG A 213 0.94 23.91 -24.99
C ARG A 213 -0.25 23.00 -24.73
N THR A 214 -0.35 22.53 -23.49
CA THR A 214 -1.59 21.94 -22.95
C THR A 214 -2.27 23.03 -22.10
N PRO A 215 -3.39 23.59 -22.61
CA PRO A 215 -4.01 24.77 -21.99
C PRO A 215 -4.71 24.46 -20.65
N GLY A 216 -5.18 25.50 -19.97
CA GLY A 216 -5.75 25.37 -18.64
C GLY A 216 -6.88 24.36 -18.45
N HIS A 217 -6.77 23.54 -17.40
CA HIS A 217 -7.80 22.53 -17.14
C HIS A 217 -7.73 21.90 -15.77
N GLN A 218 -8.85 21.30 -15.36
CA GLN A 218 -8.84 20.31 -14.28
C GLN A 218 -9.00 18.94 -14.91
N GLU A 219 -8.52 17.90 -14.24
CA GLU A 219 -8.68 16.53 -14.72
C GLU A 219 -10.15 16.15 -14.79
N ASN A 220 -10.48 15.18 -15.64
CA ASN A 220 -11.85 14.63 -15.71
C ASN A 220 -12.30 14.16 -14.33
N ASN A 221 -13.50 14.63 -13.92
CA ASN A 221 -14.06 14.34 -12.60
C ASN A 221 -13.07 14.54 -11.45
N ASN A 222 -12.10 15.45 -11.63
CA ASN A 222 -11.15 15.84 -10.59
C ASN A 222 -10.27 14.71 -10.04
N PHE A 223 -10.01 13.69 -10.84
CA PHE A 223 -9.10 12.62 -10.41
C PHE A 223 -7.63 13.06 -10.48
N CYS A 224 -6.80 12.54 -9.58
CA CYS A 224 -5.37 12.85 -9.61
C CYS A 224 -4.77 12.40 -10.95
N SER A 225 -3.60 12.93 -11.30
N SER A 225 -3.60 12.91 -11.28
CA SER A 225 -2.93 12.50 -12.51
CA SER A 225 -2.91 12.55 -12.52
C SER A 225 -1.41 12.35 -12.32
C SER A 225 -1.41 12.35 -12.30
N VAL A 226 -0.81 11.51 -13.14
CA VAL A 226 0.65 11.28 -13.17
C VAL A 226 1.17 11.69 -14.55
N ASN A 227 2.28 12.42 -14.62
CA ASN A 227 2.91 12.79 -15.89
C ASN A 227 4.43 12.57 -15.78
N ILE A 228 5.00 11.80 -16.72
CA ILE A 228 6.47 11.62 -16.75
C ILE A 228 7.05 12.20 -18.04
N ASN A 229 8.09 13.02 -17.93
CA ASN A 229 8.79 13.59 -19.08
C ASN A 229 9.87 12.61 -19.56
N ILE A 230 9.75 12.22 -20.82
CA ILE A 230 10.66 11.26 -21.46
C ILE A 230 11.96 11.93 -21.88
N GLY A 231 11.90 13.23 -22.14
CA GLY A 231 13.04 14.01 -22.63
C GLY A 231 13.19 13.93 -24.14
N PRO A 232 14.30 14.45 -24.69
CA PRO A 232 15.46 14.97 -23.95
C PRO A 232 15.31 16.40 -23.43
N GLY A 233 14.30 17.15 -23.89
CA GLY A 233 14.09 18.52 -23.41
C GLY A 233 13.21 18.66 -22.16
N ASP A 234 13.09 19.90 -21.66
CA ASP A 234 12.33 20.18 -20.44
C ASP A 234 10.89 20.65 -20.73
N CYS A 235 10.02 20.56 -19.72
CA CYS A 235 8.69 21.20 -19.74
C CYS A 235 8.58 22.21 -18.60
N GLU A 236 7.75 23.23 -18.80
CA GLU A 236 7.49 24.21 -17.75
C GLU A 236 6.02 24.15 -17.31
N TRP A 237 5.78 24.07 -16.01
CA TRP A 237 4.43 23.86 -15.45
C TRP A 237 3.94 25.07 -14.65
N PHE A 238 2.63 25.31 -14.74
CA PHE A 238 1.93 26.36 -14.00
C PHE A 238 0.75 25.73 -13.23
N VAL A 239 0.66 25.99 -11.93
CA VAL A 239 -0.32 25.29 -11.07
C VAL A 239 -1.04 26.22 -10.08
N VAL A 240 -2.36 26.04 -9.95
CA VAL A 240 -3.19 26.80 -9.01
C VAL A 240 -3.99 25.81 -8.12
N PRO A 241 -4.06 26.05 -6.80
CA PRO A 241 -4.77 25.07 -5.95
C PRO A 241 -6.28 24.95 -6.27
N GLU A 242 -6.84 23.79 -5.94
CA GLU A 242 -8.24 23.49 -6.26
C GLU A 242 -9.19 24.56 -5.75
N ASP A 243 -8.91 25.13 -4.58
CA ASP A 243 -9.91 26.00 -3.96
C ASP A 243 -9.92 27.42 -4.53
N TYR A 244 -9.18 27.63 -5.62
CA TYR A 244 -9.26 28.87 -6.37
C TYR A 244 -9.87 28.67 -7.75
N TRP A 245 -10.37 27.46 -8.03
CA TRP A 245 -10.87 27.19 -9.39
C TRP A 245 -12.03 28.11 -9.75
N GLY A 246 -12.84 28.46 -8.76
CA GLY A 246 -13.97 29.36 -8.95
C GLY A 246 -13.57 30.72 -9.51
N VAL A 247 -12.42 31.23 -9.08
CA VAL A 247 -11.93 32.52 -9.59
C VAL A 247 -11.57 32.40 -11.07
N LEU A 248 -10.92 31.31 -11.44
CA LEU A 248 -10.59 31.11 -12.85
C LEU A 248 -11.83 30.87 -13.70
N ASN A 249 -12.84 30.20 -13.13
CA ASN A 249 -14.13 30.07 -13.82
C ASN A 249 -14.75 31.43 -14.11
N ASP A 250 -14.69 32.34 -13.14
CA ASP A 250 -15.27 33.67 -13.34
C ASP A 250 -14.54 34.43 -14.44
N PHE A 251 -13.22 34.31 -14.44
CA PHE A 251 -12.38 34.94 -15.47
C PHE A 251 -12.76 34.47 -16.87
N CYS A 252 -12.99 33.17 -17.02
CA CYS A 252 -13.37 32.61 -18.33
C CYS A 252 -14.70 33.19 -18.80
N GLU A 253 -15.71 33.14 -17.93
CA GLU A 253 -17.03 33.65 -18.27
C GLU A 253 -16.99 35.12 -18.66
N LYS A 254 -16.24 35.93 -17.92
CA LYS A 254 -16.10 37.35 -18.23
C LYS A 254 -15.48 37.55 -19.61
N ASN A 255 -14.55 36.68 -19.98
CA ASN A 255 -13.88 36.75 -21.27
C ASN A 255 -14.56 35.91 -22.35
N ASN A 256 -15.82 35.56 -22.14
CA ASN A 256 -16.60 34.82 -23.14
C ASN A 256 -16.02 33.44 -23.47
N LEU A 257 -15.51 32.75 -22.46
CA LEU A 257 -14.96 31.42 -22.66
C LEU A 257 -15.63 30.39 -21.73
N ASN A 258 -15.74 29.16 -22.21
CA ASN A 258 -16.22 28.03 -21.39
C ASN A 258 -15.04 27.41 -20.64
N PHE A 259 -15.06 27.50 -19.30
CA PHE A 259 -13.96 26.97 -18.48
C PHE A 259 -13.66 25.48 -18.76
N LEU A 260 -14.71 24.69 -18.95
CA LEU A 260 -14.56 23.24 -19.15
C LEU A 260 -14.22 22.83 -20.59
N MET A 261 -14.64 23.62 -21.57
CA MET A 261 -14.61 23.19 -22.96
C MET A 261 -13.72 24.02 -23.90
N SER A 262 -13.45 25.27 -23.56
CA SER A 262 -12.60 26.16 -24.40
C SER A 262 -11.10 26.02 -24.13
N SER A 263 -10.28 26.50 -25.07
CA SER A 263 -8.83 26.58 -24.84
C SER A 263 -8.45 27.95 -24.31
N TRP A 264 -7.87 27.99 -23.12
CA TRP A 264 -7.46 29.26 -22.51
C TRP A 264 -6.11 29.14 -21.80
N TRP A 265 -5.39 30.25 -21.74
CA TRP A 265 -4.05 30.34 -21.16
C TRP A 265 -4.00 31.58 -20.28
N PRO A 266 -4.06 31.39 -18.95
CA PRO A 266 -4.21 32.48 -17.99
C PRO A 266 -3.16 33.60 -18.12
N ASN A 267 -3.61 34.85 -17.97
CA ASN A 267 -2.72 36.01 -17.84
C ASN A 267 -2.21 36.12 -16.41
N LEU A 268 -0.92 35.90 -16.19
CA LEU A 268 -0.39 35.83 -14.84
C LEU A 268 -0.57 37.14 -14.06
N GLU A 269 -0.67 38.26 -14.78
CA GLU A 269 -0.86 39.56 -14.13
C GLU A 269 -2.30 39.68 -13.60
N ASP A 270 -3.24 39.13 -14.35
CA ASP A 270 -4.62 39.03 -13.87
C ASP A 270 -4.71 38.22 -12.59
N LEU A 271 -3.99 37.10 -12.56
CA LEU A 271 -4.04 36.20 -11.40
C LEU A 271 -3.43 36.88 -10.18
N TYR A 272 -2.27 37.50 -10.37
CA TYR A 272 -1.59 38.19 -9.27
C TYR A 272 -2.48 39.28 -8.69
N GLU A 273 -3.15 40.01 -9.57
CA GLU A 273 -4.05 41.08 -9.17
C GLU A 273 -5.23 40.56 -8.34
N ALA A 274 -5.70 39.35 -8.67
CA ALA A 274 -6.84 38.77 -7.96
C ALA A 274 -6.40 37.95 -6.74
N ASN A 275 -5.14 38.11 -6.36
CA ASN A 275 -4.54 37.41 -5.23
C ASN A 275 -4.61 35.87 -5.29
N VAL A 276 -4.47 35.32 -6.50
CA VAL A 276 -4.40 33.88 -6.70
C VAL A 276 -2.94 33.39 -6.72
N PRO A 277 -2.58 32.49 -5.81
CA PRO A 277 -1.19 32.00 -5.81
C PRO A 277 -0.91 31.09 -7.00
N VAL A 278 0.29 31.18 -7.58
CA VAL A 278 0.66 30.36 -8.73
C VAL A 278 1.98 29.63 -8.48
N TYR A 279 1.91 28.31 -8.48
CA TYR A 279 3.11 27.46 -8.40
C TYR A 279 3.71 27.34 -9.80
N ARG A 280 5.02 27.44 -9.89
CA ARG A 280 5.70 27.44 -11.18
C ARG A 280 7.03 26.69 -11.09
N PHE A 281 7.29 25.76 -12.01
CA PHE A 281 8.48 24.91 -11.92
C PHE A 281 8.83 24.23 -13.25
N ILE A 282 10.05 23.69 -13.31
CA ILE A 282 10.55 22.94 -14.47
C ILE A 282 10.58 21.43 -14.23
N GLN A 283 10.06 20.67 -15.21
CA GLN A 283 10.04 19.21 -15.17
C GLN A 283 11.11 18.69 -16.13
N ARG A 284 12.15 18.03 -15.60
CA ARG A 284 13.27 17.56 -16.41
C ARG A 284 13.01 16.10 -16.82
N PRO A 285 13.78 15.57 -17.80
CA PRO A 285 13.56 14.16 -18.17
C PRO A 285 13.71 13.22 -16.98
N GLY A 286 12.75 12.32 -16.82
CA GLY A 286 12.73 11.39 -15.71
C GLY A 286 12.04 11.89 -14.45
N ASP A 287 11.68 13.18 -14.43
CA ASP A 287 10.88 13.71 -13.31
C ASP A 287 9.40 13.32 -13.45
N LEU A 288 8.80 12.85 -12.36
CA LEU A 288 7.36 12.54 -12.35
C LEU A 288 6.60 13.66 -11.64
N VAL A 289 5.54 14.15 -12.28
CA VAL A 289 4.72 15.20 -11.66
C VAL A 289 3.40 14.58 -11.20
N TRP A 290 3.11 14.70 -9.90
CA TRP A 290 1.81 14.27 -9.33
C TRP A 290 0.87 15.47 -9.15
N ILE A 291 -0.22 15.49 -9.92
CA ILE A 291 -1.26 16.52 -9.81
C ILE A 291 -2.36 16.03 -8.86
N ASN A 292 -2.54 16.74 -7.74
CA ASN A 292 -3.52 16.31 -6.75
C ASN A 292 -4.95 16.64 -7.20
N ALA A 293 -5.94 16.16 -6.45
CA ALA A 293 -7.33 16.23 -6.91
C ALA A 293 -7.88 17.66 -7.07
N GLY A 294 -8.39 17.97 -8.25
CA GLY A 294 -8.94 19.28 -8.57
C GLY A 294 -7.91 20.39 -8.82
N THR A 295 -6.63 20.06 -8.76
CA THR A 295 -5.59 21.09 -8.99
C THR A 295 -5.65 21.62 -10.43
N VAL A 296 -5.74 22.94 -10.60
CA VAL A 296 -5.82 23.55 -11.94
C VAL A 296 -4.41 23.73 -12.51
N HIS A 297 -4.21 23.39 -13.79
CA HIS A 297 -2.83 23.43 -14.33
C HIS A 297 -2.78 23.60 -15.86
N TRP A 298 -1.67 24.16 -16.35
CA TRP A 298 -1.39 24.29 -17.80
C TRP A 298 0.14 24.16 -18.02
N VAL A 299 0.55 23.70 -19.20
CA VAL A 299 1.93 23.20 -19.42
C VAL A 299 2.46 23.60 -20.80
N GLN A 300 3.76 23.88 -20.89
CA GLN A 300 4.40 24.11 -22.19
C GLN A 300 5.78 23.44 -22.31
N ALA A 301 6.07 22.91 -23.49
CA ALA A 301 7.39 22.38 -23.77
C ALA A 301 8.38 23.53 -23.91
N VAL A 302 9.54 23.39 -23.28
CA VAL A 302 10.64 24.34 -23.39
C VAL A 302 11.59 23.87 -24.50
N GLY A 303 11.82 22.56 -24.57
CA GLY A 303 12.62 21.96 -25.63
C GLY A 303 11.88 20.94 -26.48
N TRP A 304 12.61 20.02 -27.10
CA TRP A 304 12.02 18.89 -27.81
C TRP A 304 11.89 17.66 -26.90
N CYS A 305 10.67 17.15 -26.67
CA CYS A 305 10.49 15.98 -25.80
C CYS A 305 9.18 15.21 -26.06
N ASN A 306 9.05 14.05 -25.41
CA ASN A 306 7.77 13.34 -25.30
C ASN A 306 7.37 13.26 -23.82
N ASN A 307 6.06 13.17 -23.53
CA ASN A 307 5.56 12.91 -22.17
C ASN A 307 4.54 11.73 -22.18
N ILE A 308 4.37 11.05 -21.05
CA ILE A 308 3.26 10.08 -20.86
C ILE A 308 2.46 10.48 -19.63
N ALA A 309 1.15 10.19 -19.61
CA ALA A 309 0.32 10.56 -18.46
C ALA A 309 -0.91 9.68 -18.35
N TRP A 310 -1.46 9.58 -17.14
CA TRP A 310 -2.72 8.86 -16.88
C TRP A 310 -3.31 9.36 -15.56
N ASN A 311 -4.49 8.86 -15.17
CA ASN A 311 -5.09 9.25 -13.91
C ASN A 311 -4.99 8.18 -12.83
N VAL A 312 -5.14 8.57 -11.57
CA VAL A 312 -5.19 7.66 -10.43
C VAL A 312 -6.22 8.20 -9.42
N GLY A 313 -6.98 7.32 -8.77
CA GLY A 313 -7.92 7.76 -7.74
C GLY A 313 -7.60 7.19 -6.37
N PRO A 314 -6.85 7.94 -5.53
CA PRO A 314 -6.55 7.47 -4.18
C PRO A 314 -7.83 7.26 -3.36
N LEU A 315 -7.82 6.27 -2.47
CA LEU A 315 -8.98 6.03 -1.61
C LEU A 315 -9.00 6.99 -0.42
N THR A 316 -9.36 8.25 -0.68
CA THR A 316 -9.44 9.27 0.37
C THR A 316 -10.76 10.01 0.33
N ALA A 317 -11.19 10.56 1.46
CA ALA A 317 -12.40 11.38 1.52
C ALA A 317 -12.31 12.58 0.55
N CYS A 318 -11.13 13.21 0.50
CA CYS A 318 -10.94 14.36 -0.38
C CYS A 318 -11.14 14.01 -1.86
N GLN A 319 -10.58 12.88 -2.31
CA GLN A 319 -10.74 12.48 -3.72
C GLN A 319 -12.20 12.14 -4.06
N TYR A 320 -12.87 11.40 -3.18
CA TYR A 320 -14.27 11.00 -3.48
C TYR A 320 -15.17 12.23 -3.52
N LYS A 321 -15.00 13.12 -2.55
CA LYS A 321 -15.76 14.36 -2.50
C LYS A 321 -15.62 15.22 -3.76
N LEU A 322 -14.38 15.47 -4.20
CA LEU A 322 -14.18 16.34 -5.37
C LEU A 322 -14.68 15.67 -6.67
N ALA A 323 -14.60 14.35 -6.72
CA ALA A 323 -15.12 13.60 -7.87
C ALA A 323 -16.65 13.70 -7.97
N VAL A 324 -17.32 13.53 -6.85
CA VAL A 324 -18.78 13.67 -6.80
C VAL A 324 -19.21 15.09 -7.18
N GLU A 325 -18.51 16.08 -6.64
CA GLU A 325 -18.83 17.50 -6.91
C GLU A 325 -18.76 17.83 -8.40
N ARG A 326 -17.67 17.43 -9.05
CA ARG A 326 -17.49 17.71 -10.48
C ARG A 326 -18.50 16.91 -11.31
N TYR A 327 -18.80 15.69 -10.88
CA TYR A 327 -19.85 14.86 -11.49
C TYR A 327 -21.20 15.60 -11.53
N GLU A 328 -21.56 16.23 -10.42
CA GLU A 328 -22.81 16.99 -10.38
C GLU A 328 -22.73 18.34 -11.15
N TRP A 329 -21.59 19.02 -11.08
CA TRP A 329 -21.39 20.26 -11.84
C TRP A 329 -21.50 19.99 -13.34
N ASN A 330 -20.93 18.89 -13.82
CA ASN A 330 -20.99 18.53 -15.23
C ASN A 330 -22.44 18.43 -15.75
N LYS A 331 -23.33 17.91 -14.92
CA LYS A 331 -24.76 17.80 -15.29
C LYS A 331 -25.36 19.19 -15.57
N LEU A 332 -25.07 20.14 -14.69
CA LEU A 332 -25.56 21.50 -14.85
C LEU A 332 -24.98 22.17 -16.10
N LYS A 333 -23.78 21.80 -16.48
CA LYS A 333 -23.11 22.43 -17.62
C LYS A 333 -23.31 21.66 -18.93
N SER A 334 -24.10 20.60 -18.87
CA SER A 334 -24.39 19.75 -20.04
C SER A 334 -23.12 19.14 -20.64
N VAL A 335 -22.24 18.66 -19.76
CA VAL A 335 -20.98 18.03 -20.16
C VAL A 335 -20.97 16.59 -19.63
N LYS A 336 -20.59 15.63 -20.46
CA LYS A 336 -20.51 14.23 -20.03
C LYS A 336 -19.40 13.98 -19.01
N SER A 337 -19.67 13.15 -18.00
CA SER A 337 -18.66 12.67 -17.06
C SER A 337 -18.06 11.36 -17.55
N PRO A 338 -16.74 11.34 -17.78
CA PRO A 338 -16.10 10.07 -18.18
C PRO A 338 -16.13 9.00 -17.08
N VAL A 339 -16.18 9.41 -15.82
CA VAL A 339 -16.28 8.45 -14.72
C VAL A 339 -17.72 8.31 -14.23
N PRO A 340 -18.28 7.11 -14.31
CA PRO A 340 -19.67 6.87 -13.88
C PRO A 340 -19.76 6.70 -12.35
N MET A 341 -19.97 7.79 -11.63
CA MET A 341 -19.80 7.77 -10.17
C MET A 341 -20.88 6.96 -9.43
N VAL A 342 -22.04 6.74 -10.06
CA VAL A 342 -23.05 5.87 -9.43
C VAL A 342 -22.57 4.41 -9.49
N HIS A 343 -22.23 3.97 -10.69
CA HIS A 343 -21.65 2.65 -10.90
C HIS A 343 -20.45 2.39 -9.96
N LEU A 344 -19.53 3.35 -9.89
CA LEU A 344 -18.34 3.21 -9.05
C LEU A 344 -18.70 3.09 -7.57
N SER A 345 -19.66 3.88 -7.11
CA SER A 345 -20.05 3.88 -5.71
C SER A 345 -20.58 2.51 -5.27
N TRP A 346 -21.40 1.87 -6.12
CA TRP A 346 -21.89 0.53 -5.84
C TRP A 346 -20.76 -0.50 -5.81
N ASN A 347 -19.81 -0.39 -6.74
CA ASN A 347 -18.65 -1.30 -6.75
C ASN A 347 -17.80 -1.17 -5.49
N MET A 348 -17.64 0.05 -4.98
N MET A 348 -17.65 0.06 -5.01
CA MET A 348 -16.90 0.30 -3.74
CA MET A 348 -16.98 0.34 -3.74
C MET A 348 -17.59 -0.38 -2.55
C MET A 348 -17.62 -0.44 -2.60
N ALA A 349 -18.93 -0.29 -2.50
CA ALA A 349 -19.70 -0.89 -1.42
C ALA A 349 -19.69 -2.42 -1.51
N ARG A 350 -19.68 -2.93 -2.72
CA ARG A 350 -19.64 -4.37 -2.94
C ARG A 350 -18.27 -4.96 -2.56
N ASN A 351 -17.20 -4.26 -2.90
CA ASN A 351 -15.87 -4.88 -2.94
C ASN A 351 -14.74 -4.28 -2.09
N ILE A 352 -14.99 -3.16 -1.42
CA ILE A 352 -13.88 -2.49 -0.76
C ILE A 352 -14.17 -2.22 0.71
N LYS A 353 -13.23 -2.62 1.57
CA LYS A 353 -13.34 -2.34 2.99
C LYS A 353 -12.88 -0.91 3.24
N VAL A 354 -13.74 -0.12 3.86
CA VAL A 354 -13.46 1.29 4.07
C VAL A 354 -13.33 1.56 5.56
N SER A 355 -12.15 2.00 5.98
CA SER A 355 -11.84 2.22 7.39
C SER A 355 -11.76 3.68 7.81
N ASP A 356 -11.77 4.61 6.86
CA ASP A 356 -11.86 6.03 7.23
C ASP A 356 -13.32 6.44 7.41
N PRO A 357 -13.69 6.86 8.63
CA PRO A 357 -15.06 7.29 8.94
C PRO A 357 -15.58 8.38 8.03
N LYS A 358 -14.71 9.31 7.64
CA LYS A 358 -15.15 10.42 6.79
C LYS A 358 -15.55 9.89 5.42
N LEU A 359 -14.66 9.10 4.81
CA LEU A 359 -14.92 8.53 3.49
C LEU A 359 -16.14 7.61 3.52
N PHE A 360 -16.23 6.80 4.59
CA PHE A 360 -17.34 5.87 4.72
C PHE A 360 -18.69 6.60 4.74
N GLU A 361 -18.80 7.65 5.55
CA GLU A 361 -20.05 8.40 5.62
C GLU A 361 -20.44 9.07 4.29
N MET A 362 -19.45 9.47 3.50
CA MET A 362 -19.72 10.07 2.19
C MET A 362 -20.36 9.07 1.24
N ILE A 363 -19.76 7.88 1.15
CA ILE A 363 -20.25 6.82 0.26
C ILE A 363 -21.64 6.33 0.67
N LYS A 364 -21.82 6.10 1.97
CA LYS A 364 -23.12 5.67 2.50
C LYS A 364 -24.22 6.70 2.17
N TYR A 365 -23.90 7.98 2.31
CA TYR A 365 -24.83 9.05 1.99
C TYR A 365 -25.27 9.00 0.52
N CYS A 366 -24.29 8.86 -0.37
CA CYS A 366 -24.58 8.82 -1.78
C CYS A 366 -25.43 7.60 -2.15
N LEU A 367 -25.11 6.45 -1.59
CA LEU A 367 -25.87 5.23 -1.90
C LEU A 367 -27.33 5.35 -1.47
N LEU A 368 -27.55 5.95 -0.31
CA LEU A 368 -28.91 6.12 0.21
C LEU A 368 -29.72 7.04 -0.70
N LYS A 369 -29.06 8.07 -1.23
CA LYS A 369 -29.72 8.98 -2.17
C LYS A 369 -30.08 8.30 -3.49
N ILE A 370 -29.17 7.48 -4.00
CA ILE A 370 -29.43 6.69 -5.20
C ILE A 370 -30.61 5.75 -4.97
N LEU A 371 -30.59 5.08 -3.83
CA LEU A 371 -31.65 4.11 -3.47
C LEU A 371 -33.03 4.76 -3.38
N LYS A 372 -33.12 5.88 -2.67
CA LYS A 372 -34.39 6.60 -2.52
C LYS A 372 -34.96 7.12 -3.84
N GLN A 373 -34.10 7.67 -4.69
CA GLN A 373 -34.54 8.17 -5.98
C GLN A 373 -35.07 7.02 -6.83
N TYR A 374 -34.36 5.90 -6.80
CA TYR A 374 -34.72 4.71 -7.56
C TYR A 374 -36.08 4.15 -7.10
N GLN A 375 -36.28 4.10 -5.78
CA GLN A 375 -37.55 3.63 -5.22
C GLN A 375 -38.71 4.56 -5.59
N THR A 376 -38.46 5.87 -5.61
CA THR A 376 -39.48 6.85 -5.93
C THR A 376 -39.91 6.73 -7.38
N LEU A 377 -38.95 6.60 -8.28
CA LEU A 377 -39.24 6.45 -9.70
C LEU A 377 -39.98 5.14 -9.98
N ARG A 378 -39.45 4.03 -9.45
CA ARG A 378 -40.06 2.72 -9.66
C ARG A 378 -41.53 2.67 -9.22
N GLU A 379 -41.85 3.21 -8.05
CA GLU A 379 -43.24 3.24 -7.56
C GLU A 379 -44.15 4.12 -8.42
N ALA A 380 -43.58 5.19 -8.95
CA ALA A 380 -44.36 6.07 -9.83
C ALA A 380 -44.76 5.31 -11.08
N LEU A 381 -43.79 4.64 -11.71
CA LEU A 381 -44.07 3.83 -12.88
C LEU A 381 -45.13 2.75 -12.60
N VAL A 382 -44.97 2.00 -11.52
CA VAL A 382 -45.92 0.94 -11.18
C VAL A 382 -47.32 1.51 -10.92
N ALA A 383 -47.39 2.63 -10.21
CA ALA A 383 -48.67 3.25 -9.89
C ALA A 383 -49.40 3.75 -11.14
N ALA A 384 -48.63 4.02 -12.20
CA ALA A 384 -49.22 4.47 -13.45
C ALA A 384 -49.54 3.31 -14.39
N GLY A 385 -49.29 2.08 -13.94
CA GLY A 385 -49.58 0.90 -14.73
C GLY A 385 -48.54 0.56 -15.80
N LYS A 386 -47.36 1.16 -15.72
CA LYS A 386 -46.28 0.82 -16.64
C LYS A 386 -45.56 -0.46 -16.18
N GLU A 387 -45.38 -1.42 -17.07
CA GLU A 387 -44.67 -2.67 -16.73
C GLU A 387 -43.17 -2.45 -16.57
N VAL A 388 -42.58 -3.03 -15.53
CA VAL A 388 -41.12 -3.07 -15.38
C VAL A 388 -40.60 -4.46 -15.79
N ILE A 389 -39.77 -4.50 -16.82
CA ILE A 389 -39.29 -5.77 -17.38
C ILE A 389 -37.94 -6.21 -16.79
N TRP A 390 -37.88 -7.43 -16.26
CA TRP A 390 -36.62 -7.95 -15.73
C TRP A 390 -35.65 -8.20 -16.88
N HIS A 391 -34.48 -7.59 -16.80
CA HIS A 391 -33.52 -7.61 -17.90
C HIS A 391 -32.16 -8.16 -17.45
N GLY A 392 -31.85 -8.01 -16.17
CA GLY A 392 -30.60 -8.49 -15.61
C GLY A 392 -29.37 -7.80 -16.18
N ARG A 393 -28.23 -8.45 -16.05
CA ARG A 393 -26.98 -7.82 -16.43
C ARG A 393 -25.84 -8.81 -16.68
N THR A 394 -25.09 -8.55 -17.75
CA THR A 394 -23.80 -9.20 -17.99
C THR A 394 -22.78 -8.59 -17.04
N ASN A 395 -21.95 -9.39 -16.38
CA ASN A 395 -21.01 -8.80 -15.44
C ASN A 395 -19.76 -8.22 -16.13
N ASP A 396 -19.15 -7.23 -15.47
CA ASP A 396 -18.12 -6.37 -16.07
C ASP A 396 -18.65 -5.58 -17.26
N GLU A 397 -19.97 -5.61 -17.47
CA GLU A 397 -20.60 -4.73 -18.44
C GLU A 397 -20.49 -3.30 -17.93
N PRO A 398 -20.07 -2.38 -18.82
CA PRO A 398 -19.85 -0.98 -18.46
C PRO A 398 -21.14 -0.29 -18.02
N ALA A 399 -20.99 0.87 -17.40
CA ALA A 399 -22.13 1.71 -17.04
C ALA A 399 -22.77 2.25 -18.31
N HIS A 400 -24.05 2.62 -18.24
CA HIS A 400 -24.72 3.16 -19.41
C HIS A 400 -24.94 4.67 -19.28
N TYR A 401 -24.93 5.37 -20.42
CA TYR A 401 -25.26 6.79 -20.48
C TYR A 401 -26.42 7.05 -21.45
N CYS A 402 -27.19 8.11 -21.20
CA CYS A 402 -28.34 8.45 -22.06
C CYS A 402 -27.91 8.84 -23.50
N SER A 403 -28.51 8.18 -24.49
CA SER A 403 -28.10 8.39 -25.89
C SER A 403 -28.39 9.82 -26.38
N ILE A 404 -29.20 10.56 -25.65
CA ILE A 404 -29.49 11.93 -26.06
C ILE A 404 -28.74 12.99 -25.23
N CYS A 405 -28.84 12.92 -23.90
CA CYS A 405 -28.27 13.95 -23.05
C CYS A 405 -26.94 13.55 -22.37
N GLU A 406 -26.56 12.29 -22.52
CA GLU A 406 -25.29 11.73 -22.01
C GLU A 406 -25.10 11.68 -20.47
N VAL A 407 -26.17 11.85 -19.71
CA VAL A 407 -26.14 11.59 -18.24
C VAL A 407 -25.97 10.09 -17.97
N GLU A 408 -25.32 9.73 -16.85
CA GLU A 408 -25.30 8.30 -16.44
C GLU A 408 -26.72 7.80 -16.16
N VAL A 409 -27.03 6.58 -16.63
CA VAL A 409 -28.32 5.97 -16.33
C VAL A 409 -28.11 4.64 -15.59
N PHE A 410 -28.68 4.51 -14.38
CA PHE A 410 -28.45 3.33 -13.55
C PHE A 410 -29.71 2.52 -13.25
N ASN A 411 -29.62 1.23 -13.52
CA ASN A 411 -30.62 0.21 -13.19
C ASN A 411 -31.87 0.25 -14.08
N LEU A 412 -32.68 1.30 -13.95
CA LEU A 412 -33.88 1.41 -14.79
C LEU A 412 -33.50 2.06 -16.12
N LEU A 413 -33.61 1.30 -17.21
CA LEU A 413 -33.23 1.77 -18.53
C LEU A 413 -34.47 2.01 -19.39
N PHE A 414 -34.49 3.09 -20.16
CA PHE A 414 -35.64 3.37 -21.01
C PHE A 414 -35.25 3.19 -22.49
N VAL A 415 -35.87 2.18 -23.11
CA VAL A 415 -35.56 1.75 -24.47
C VAL A 415 -36.82 1.76 -25.35
N THR A 416 -36.73 2.25 -26.60
CA THR A 416 -37.92 2.30 -27.46
C THR A 416 -38.46 0.91 -27.77
N ASN A 417 -39.75 0.81 -28.08
CA ASN A 417 -40.36 -0.48 -28.45
C ASN A 417 -39.57 -1.16 -29.55
N GLU A 418 -39.12 -0.38 -30.52
CA GLU A 418 -38.44 -0.90 -31.70
C GLU A 418 -37.01 -1.35 -31.39
N SER A 419 -36.29 -0.57 -30.59
CA SER A 419 -34.94 -0.96 -30.17
C SER A 419 -34.97 -2.20 -29.27
N ASN A 420 -36.04 -2.33 -28.49
CA ASN A 420 -36.25 -3.52 -27.68
C ASN A 420 -36.45 -4.75 -28.57
N THR A 421 -37.35 -4.62 -29.53
CA THR A 421 -37.63 -5.70 -30.47
C THR A 421 -36.37 -6.12 -31.22
N GLN A 422 -35.63 -5.15 -31.72
CA GLN A 422 -34.40 -5.41 -32.47
C GLN A 422 -33.25 -5.85 -31.57
N LYS A 423 -33.47 -5.78 -30.26
CA LYS A 423 -32.45 -6.10 -29.24
C LYS A 423 -31.19 -5.27 -29.39
N THR A 424 -31.35 -3.98 -29.71
CA THR A 424 -30.21 -3.06 -29.74
C THR A 424 -30.11 -2.30 -28.42
N TYR A 425 -31.21 -2.28 -27.67
CA TYR A 425 -31.24 -1.73 -26.30
C TYR A 425 -30.53 -0.38 -26.18
N ILE A 426 -30.89 0.56 -27.03
CA ILE A 426 -30.32 1.90 -27.00
C ILE A 426 -30.90 2.72 -25.83
N VAL A 427 -30.05 3.04 -24.87
CA VAL A 427 -30.49 3.53 -23.55
C VAL A 427 -30.88 5.01 -23.54
N HIS A 428 -31.97 5.32 -22.84
CA HIS A 428 -32.39 6.68 -22.59
C HIS A 428 -32.59 6.85 -21.09
N CYS A 429 -32.39 8.05 -20.58
CA CYS A 429 -32.80 8.37 -19.21
C CYS A 429 -34.32 8.60 -19.18
N HIS A 430 -34.90 8.69 -17.98
CA HIS A 430 -36.34 8.89 -17.84
C HIS A 430 -36.80 10.23 -18.42
N ASP A 431 -36.04 11.29 -18.18
CA ASP A 431 -36.46 12.63 -18.61
C ASP A 431 -36.49 12.74 -20.13
N CYS A 432 -35.52 12.16 -20.80
CA CYS A 432 -35.46 12.25 -22.25
C CYS A 432 -36.53 11.36 -22.91
N ALA A 433 -36.80 10.20 -22.30
CA ALA A 433 -37.85 9.32 -22.83
C ALA A 433 -39.22 10.01 -22.73
N ARG A 434 -39.50 10.60 -21.57
CA ARG A 434 -40.73 11.36 -21.35
C ARG A 434 -40.91 12.53 -22.32
N LYS A 435 -39.85 13.31 -22.52
CA LYS A 435 -39.93 14.45 -23.43
C LYS A 435 -40.35 14.02 -24.84
N THR A 436 -39.86 12.85 -25.26
CA THR A 436 -40.24 12.26 -26.54
C THR A 436 -41.68 11.73 -26.54
N SER A 437 -42.00 10.93 -25.53
CA SER A 437 -43.21 10.11 -25.47
C SER A 437 -43.92 10.38 -24.14
N LYS A 438 -45.00 11.17 -24.19
CA LYS A 438 -45.56 11.76 -22.97
C LYS A 438 -46.00 10.76 -21.89
N SER A 439 -46.58 9.63 -22.30
CA SER A 439 -47.01 8.61 -21.33
C SER A 439 -46.12 7.37 -21.40
N LEU A 440 -44.93 7.54 -21.98
CA LEU A 440 -43.97 6.45 -22.20
C LEU A 440 -44.51 5.34 -23.09
N GLU A 441 -45.54 5.66 -23.90
CA GLU A 441 -46.17 4.61 -24.71
C GLU A 441 -45.21 4.07 -25.79
N ASN A 442 -44.17 4.83 -26.13
CA ASN A 442 -43.18 4.39 -27.12
C ASN A 442 -41.99 3.65 -26.51
N PHE A 443 -42.01 3.47 -25.20
CA PHE A 443 -40.86 2.87 -24.50
C PHE A 443 -41.20 1.62 -23.66
N VAL A 444 -40.18 0.79 -23.40
CA VAL A 444 -40.28 -0.23 -22.37
C VAL A 444 -39.30 0.12 -21.24
N VAL A 445 -39.56 -0.34 -20.04
CA VAL A 445 -38.68 -0.08 -18.89
C VAL A 445 -37.94 -1.35 -18.48
N LEU A 446 -36.60 -1.34 -18.59
CA LEU A 446 -35.79 -2.51 -18.27
C LEU A 446 -35.13 -2.33 -16.90
N GLU A 447 -35.05 -3.40 -16.12
CA GLU A 447 -34.46 -3.35 -14.78
C GLU A 447 -33.27 -4.30 -14.70
N GLN A 448 -32.11 -3.80 -14.31
CA GLN A 448 -30.88 -4.60 -14.30
C GLN A 448 -30.52 -5.18 -12.92
N TYR A 449 -31.18 -4.70 -11.86
CA TYR A 449 -30.94 -5.18 -10.50
C TYR A 449 -32.24 -5.26 -9.72
N LYS A 450 -32.41 -6.33 -8.95
CA LYS A 450 -33.55 -6.42 -8.06
C LYS A 450 -33.35 -5.47 -6.88
N MET A 451 -34.44 -4.89 -6.42
CA MET A 451 -34.37 -3.95 -5.31
C MET A 451 -33.83 -4.59 -4.05
N GLU A 452 -34.27 -5.81 -3.75
CA GLU A 452 -33.86 -6.50 -2.52
C GLU A 452 -32.33 -6.69 -2.48
N ASP A 453 -31.75 -6.94 -3.65
CA ASP A 453 -30.31 -7.14 -3.77
C ASP A 453 -29.50 -5.86 -3.52
N LEU A 454 -29.97 -4.73 -4.03
CA LEU A 454 -29.29 -3.45 -3.77
C LEU A 454 -29.42 -3.05 -2.30
N ILE A 455 -30.59 -3.29 -1.73
CA ILE A 455 -30.82 -3.04 -0.31
C ILE A 455 -29.83 -3.84 0.54
N GLN A 456 -29.63 -5.11 0.19
CA GLN A 456 -28.65 -5.97 0.86
C GLN A 456 -27.22 -5.40 0.81
N VAL A 457 -26.78 -5.01 -0.39
CA VAL A 457 -25.45 -4.44 -0.56
C VAL A 457 -25.28 -3.21 0.33
N TYR A 458 -26.29 -2.35 0.34
CA TYR A 458 -26.29 -1.16 1.19
C TYR A 458 -26.22 -1.54 2.67
N ASP A 459 -27.10 -2.43 3.11
CA ASP A 459 -27.15 -2.85 4.51
C ASP A 459 -25.86 -3.50 4.98
N GLN A 460 -25.21 -4.27 4.10
CA GLN A 460 -24.00 -4.98 4.49
C GLN A 460 -22.74 -4.12 4.40
N PHE A 461 -22.88 -2.90 3.89
CA PHE A 461 -21.72 -2.01 3.75
C PHE A 461 -21.50 -1.27 5.08
N THR A 462 -20.51 -1.73 5.84
CA THR A 462 -20.23 -1.22 7.19
C THR A 462 -18.78 -0.76 7.38
N LEU A 463 -18.54 0.13 8.34
CA LEU A 463 -17.18 0.66 8.60
C LEU A 463 -16.24 -0.44 9.10
N ALA A 464 -15.15 -0.66 8.38
CA ALA A 464 -14.11 -1.60 8.84
C ALA A 464 -13.19 -0.96 9.88
N LEU A 465 -12.75 -1.75 10.85
CA LEU A 465 -11.79 -1.24 11.83
C LEU A 465 -10.36 -1.28 11.30
N SER A 466 -9.67 -0.14 11.35
CA SER A 466 -8.22 -0.13 11.12
C SER A 466 -7.53 0.69 12.19
N LEU A 467 -6.39 0.20 12.66
CA LEU A 467 -5.66 0.88 13.72
C LEU A 467 -4.69 1.94 13.16
N SER A 468 -4.47 1.92 11.85
CA SER A 468 -3.59 2.90 11.19
C SER A 468 -4.17 4.31 11.30
N ASP B 5 32.70 0.41 2.11
CA ASP B 5 31.55 0.56 1.23
C ASP B 5 30.26 0.68 2.02
N LYS B 6 29.45 1.67 1.67
CA LYS B 6 28.19 1.91 2.35
C LYS B 6 27.20 0.78 2.16
N LEU B 7 27.44 -0.09 1.17
CA LEU B 7 26.60 -1.25 0.93
C LEU B 7 27.06 -2.49 1.71
N ASN B 8 28.25 -2.41 2.29
N ASN B 8 28.27 -2.42 2.25
CA ASN B 8 28.77 -3.49 3.12
CA ASN B 8 28.82 -3.46 3.13
C ASN B 8 29.21 -2.94 4.48
C ASN B 8 29.23 -2.86 4.47
N PRO B 9 28.25 -2.45 5.28
CA PRO B 9 28.55 -1.69 6.50
C PRO B 9 28.97 -2.55 7.69
N PRO B 10 29.70 -1.95 8.66
CA PRO B 10 30.17 -2.63 9.87
C PRO B 10 28.97 -3.01 10.74
N THR B 11 29.07 -4.12 11.45
CA THR B 11 28.00 -4.54 12.35
C THR B 11 28.07 -3.80 13.68
N PRO B 12 26.95 -3.20 14.11
CA PRO B 12 26.92 -2.58 15.43
C PRO B 12 27.22 -3.62 16.51
N SER B 13 28.24 -3.35 17.33
CA SER B 13 28.78 -4.39 18.21
C SER B 13 29.03 -3.89 19.63
N ILE B 14 28.93 -4.82 20.58
CA ILE B 14 29.25 -4.53 21.97
C ILE B 14 30.19 -5.60 22.47
N TYR B 15 31.33 -5.19 23.04
CA TYR B 15 32.36 -6.13 23.49
C TYR B 15 32.34 -6.22 25.03
N LEU B 16 31.79 -7.32 25.55
CA LEU B 16 31.67 -7.51 26.99
C LEU B 16 32.86 -8.27 27.55
N GLU B 17 33.24 -7.96 28.79
CA GLU B 17 34.36 -8.63 29.44
C GLU B 17 33.99 -9.23 30.80
N ASN B 18 32.98 -8.64 31.46
CA ASN B 18 32.54 -9.14 32.76
C ASN B 18 31.06 -8.85 33.04
N LYS B 19 30.51 -9.47 34.08
CA LYS B 19 29.08 -9.40 34.39
C LYS B 19 28.58 -7.98 34.58
N ARG B 20 29.44 -7.13 35.14
CA ARG B 20 29.10 -5.74 35.38
C ARG B 20 28.63 -5.08 34.08
N ASP B 21 29.38 -5.29 33.01
CA ASP B 21 29.12 -4.65 31.73
C ASP B 21 27.72 -4.95 31.17
N ALA B 22 27.27 -6.20 31.35
CA ALA B 22 26.00 -6.66 30.78
C ALA B 22 24.78 -5.94 31.35
N PHE B 23 24.94 -5.30 32.50
CA PHE B 23 23.79 -4.64 33.11
C PHE B 23 23.89 -3.10 33.02
N PHE B 24 24.94 -2.62 32.38
N PHE B 24 24.94 -2.63 32.36
CA PHE B 24 25.10 -1.19 32.14
CA PHE B 24 25.12 -1.20 32.10
C PHE B 24 23.96 -0.67 31.29
C PHE B 24 23.96 -0.65 31.26
N PRO B 25 23.15 0.24 31.85
CA PRO B 25 21.96 0.82 31.17
C PRO B 25 22.17 1.34 29.73
N PRO B 26 23.37 1.86 29.37
CA PRO B 26 23.53 2.17 27.95
C PRO B 26 23.47 0.95 27.02
N LEU B 27 23.48 -0.25 27.56
CA LEU B 27 23.35 -1.47 26.75
C LEU B 27 21.96 -1.56 26.12
N HIS B 28 20.95 -1.44 26.97
N HIS B 28 20.90 -1.40 26.93
CA HIS B 28 19.55 -1.46 26.58
CA HIS B 28 19.55 -1.53 26.40
C HIS B 28 19.25 -0.40 25.52
C HIS B 28 19.18 -0.36 25.49
N GLN B 29 19.75 0.82 25.75
CA GLN B 29 19.50 1.96 24.89
C GLN B 29 20.19 1.82 23.52
N PHE B 30 21.37 1.24 23.50
CA PHE B 30 22.08 0.98 22.25
C PHE B 30 21.32 -0.03 21.38
N CYS B 31 20.81 -1.10 22.02
CA CYS B 31 20.13 -2.16 21.28
C CYS B 31 18.81 -1.67 20.67
N THR B 32 18.06 -0.84 21.41
CA THR B 32 16.74 -0.40 20.94
C THR B 32 16.78 0.85 20.05
N ASN B 33 17.97 1.41 19.83
CA ASN B 33 18.15 2.55 18.93
C ASN B 33 17.84 2.18 17.47
N PRO B 34 16.82 2.82 16.88
CA PRO B 34 16.40 2.45 15.52
C PRO B 34 17.51 2.58 14.48
N LYS B 35 18.56 3.34 14.79
CA LYS B 35 19.69 3.53 13.87
C LYS B 35 20.54 2.26 13.73
N ASN B 36 20.41 1.35 14.71
CA ASN B 36 21.11 0.07 14.67
C ASN B 36 20.10 -1.05 14.32
N PRO B 37 20.13 -1.54 13.07
CA PRO B 37 19.18 -2.57 12.64
C PRO B 37 19.39 -3.91 13.37
N VAL B 38 20.62 -4.17 13.79
CA VAL B 38 20.99 -5.37 14.55
C VAL B 38 22.15 -4.99 15.49
N THR B 39 22.23 -5.62 16.66
CA THR B 39 23.40 -5.49 17.56
C THR B 39 23.93 -6.86 17.94
N VAL B 40 25.24 -7.08 17.86
CA VAL B 40 25.78 -8.33 18.34
C VAL B 40 26.53 -8.07 19.64
N ILE B 41 26.14 -8.79 20.70
CA ILE B 41 26.77 -8.64 22.00
C ILE B 41 27.78 -9.77 22.21
N ARG B 42 29.05 -9.45 21.96
CA ARG B 42 30.14 -10.43 21.98
C ARG B 42 30.48 -10.87 23.41
N GLY B 43 30.61 -12.18 23.61
CA GLY B 43 31.02 -12.74 24.90
C GLY B 43 29.96 -12.68 25.99
N LEU B 44 28.70 -12.58 25.59
CA LEU B 44 27.60 -12.42 26.52
C LEU B 44 27.51 -13.57 27.54
N ALA B 45 27.52 -14.82 27.06
CA ALA B 45 27.33 -15.97 27.95
C ALA B 45 28.49 -16.09 28.94
N GLY B 46 29.72 -15.92 28.42
CA GLY B 46 30.92 -15.97 29.25
C GLY B 46 30.89 -14.95 30.37
N ALA B 47 30.60 -13.70 30.03
CA ALA B 47 30.50 -12.61 30.99
C ALA B 47 29.47 -12.86 32.09
N LEU B 48 28.36 -13.50 31.75
CA LEU B 48 27.30 -13.75 32.73
C LEU B 48 27.48 -15.10 33.43
N LYS B 49 28.47 -15.87 32.98
CA LYS B 49 28.65 -17.25 33.42
C LYS B 49 27.37 -18.07 33.18
N LEU B 50 26.79 -17.91 32.00
CA LEU B 50 25.64 -18.72 31.59
C LEU B 50 26.10 -20.13 31.24
N ASP B 51 25.39 -21.14 31.74
CA ASP B 51 25.76 -22.52 31.44
C ASP B 51 25.12 -23.00 30.12
N LEU B 52 25.88 -22.91 29.04
CA LEU B 52 25.38 -23.28 27.72
C LEU B 52 25.26 -24.79 27.57
N GLY B 53 25.90 -25.54 28.47
CA GLY B 53 25.79 -26.99 28.44
C GLY B 53 24.38 -27.50 28.72
N LEU B 54 23.58 -26.67 29.35
CA LEU B 54 22.21 -27.04 29.64
C LEU B 54 21.38 -27.18 28.34
N PHE B 55 21.93 -26.66 27.23
CA PHE B 55 21.28 -26.70 25.92
C PHE B 55 22.07 -27.53 24.91
N SER B 56 23.07 -28.29 25.38
CA SER B 56 23.82 -29.17 24.48
C SER B 56 22.92 -30.33 24.02
N THR B 57 23.24 -30.92 22.87
CA THR B 57 22.42 -32.00 22.33
C THR B 57 22.37 -33.18 23.29
N LYS B 58 23.50 -33.48 23.96
CA LYS B 58 23.54 -34.55 24.95
C LYS B 58 22.55 -34.32 26.09
N THR B 59 22.59 -33.12 26.65
CA THR B 59 21.70 -32.75 27.75
C THR B 59 20.22 -32.78 27.35
N LEU B 60 19.92 -32.28 26.15
CA LEU B 60 18.53 -32.27 25.65
C LEU B 60 17.97 -33.69 25.47
N VAL B 61 18.78 -34.59 24.91
CA VAL B 61 18.35 -35.98 24.72
C VAL B 61 18.00 -36.67 26.04
N GLU B 62 18.81 -36.44 27.07
CA GLU B 62 18.55 -37.01 28.39
C GLU B 62 17.27 -36.47 29.01
N ALA B 63 16.99 -35.18 28.80
CA ALA B 63 15.87 -34.54 29.49
C ALA B 63 14.49 -34.91 28.91
N ASN B 64 14.38 -34.91 27.58
CA ASN B 64 13.11 -35.18 26.90
C ASN B 64 13.35 -35.80 25.55
N ASN B 65 13.73 -37.07 25.53
CA ASN B 65 14.20 -37.69 24.29
C ASN B 65 13.15 -37.81 23.19
N GLU B 66 11.87 -37.88 23.56
CA GLU B 66 10.80 -38.04 22.54
C GLU B 66 10.20 -36.71 22.07
N HIS B 67 10.77 -35.57 22.48
CA HIS B 67 10.17 -34.26 22.22
C HIS B 67 10.11 -33.98 20.72
N MET B 68 9.04 -33.32 20.26
CA MET B 68 8.88 -33.10 18.82
C MET B 68 9.85 -32.08 18.25
N VAL B 69 10.34 -32.39 17.06
CA VAL B 69 11.21 -31.52 16.27
C VAL B 69 10.61 -31.33 14.87
N GLU B 70 10.52 -30.09 14.39
CA GLU B 70 10.12 -29.84 13.00
C GLU B 70 11.35 -29.92 12.10
N VAL B 71 11.32 -30.77 11.08
CA VAL B 71 12.47 -30.93 10.18
C VAL B 71 12.28 -30.21 8.87
N ARG B 72 13.26 -29.39 8.48
CA ARG B 72 13.30 -28.91 7.10
C ARG B 72 14.39 -29.67 6.34
N THR B 73 14.00 -30.26 5.23
CA THR B 73 14.94 -30.97 4.37
C THR B 73 15.31 -30.03 3.22
N GLN B 74 16.61 -29.72 3.12
CA GLN B 74 17.14 -28.69 2.24
C GLN B 74 18.31 -29.21 1.40
N LEU B 75 18.69 -28.46 0.37
CA LEU B 75 19.91 -28.72 -0.40
C LEU B 75 21.09 -27.95 0.19
N LEU B 76 22.28 -28.55 0.19
CA LEU B 76 23.48 -27.88 0.69
C LEU B 76 24.03 -26.93 -0.38
N GLN B 77 23.94 -25.62 -0.11
CA GLN B 77 24.35 -24.61 -1.09
C GLN B 77 25.74 -24.07 -0.78
N PRO B 78 26.47 -23.63 -1.81
CA PRO B 78 27.83 -23.07 -1.63
C PRO B 78 27.83 -21.66 -1.06
N ALA B 79 28.65 -21.44 -0.02
CA ALA B 79 28.88 -20.12 0.57
C ALA B 79 27.58 -19.35 0.85
N ASP B 80 27.45 -18.18 0.22
CA ASP B 80 26.30 -17.30 0.47
C ASP B 80 25.26 -17.31 -0.67
N GLU B 81 25.33 -18.33 -1.54
CA GLU B 81 24.52 -18.41 -2.75
C GLU B 81 23.32 -19.35 -2.62
N ASN B 82 22.39 -19.23 -3.56
CA ASN B 82 21.32 -20.21 -3.74
C ASN B 82 21.08 -20.47 -5.21
N TRP B 83 21.20 -21.73 -5.60
CA TRP B 83 21.04 -22.14 -7.00
C TRP B 83 19.77 -22.93 -7.18
N ASP B 84 19.20 -22.89 -8.38
CA ASP B 84 18.08 -23.76 -8.73
C ASP B 84 18.58 -25.20 -8.63
N PRO B 85 17.68 -26.18 -8.46
CA PRO B 85 18.13 -27.55 -8.20
C PRO B 85 19.13 -28.12 -9.23
N THR B 86 19.09 -27.62 -10.47
CA THR B 86 19.94 -28.16 -11.52
C THR B 86 21.30 -27.47 -11.58
N GLY B 87 21.50 -26.44 -10.76
CA GLY B 87 22.78 -25.77 -10.70
C GLY B 87 23.08 -24.89 -11.91
N THR B 88 22.04 -24.52 -12.65
CA THR B 88 22.19 -23.69 -13.85
C THR B 88 22.25 -22.19 -13.55
N LYS B 89 21.37 -21.71 -12.68
CA LYS B 89 21.36 -20.30 -12.34
C LYS B 89 21.03 -20.02 -10.87
N LYS B 90 21.44 -18.85 -10.40
CA LYS B 90 21.12 -18.40 -9.05
C LYS B 90 19.73 -17.77 -8.99
N ILE B 91 18.89 -18.29 -8.09
CA ILE B 91 17.52 -17.78 -7.88
C ILE B 91 17.23 -17.60 -6.39
N TRP B 92 16.15 -16.88 -6.06
CA TRP B 92 15.78 -16.61 -4.66
C TRP B 92 15.00 -17.77 -4.03
N ARG B 93 14.13 -18.42 -4.81
CA ARG B 93 13.28 -19.50 -4.28
C ARG B 93 14.13 -20.67 -3.82
N CYS B 94 13.92 -21.13 -2.58
CA CYS B 94 14.71 -22.27 -2.12
C CYS B 94 13.86 -23.41 -1.60
N GLU B 95 14.28 -24.63 -1.94
CA GLU B 95 13.54 -25.86 -1.64
C GLU B 95 13.66 -26.27 -0.18
N SER B 96 12.52 -26.39 0.52
CA SER B 96 12.51 -26.80 1.93
C SER B 96 11.26 -27.57 2.35
N ASN B 97 11.28 -28.89 2.15
CA ASN B 97 10.16 -29.77 2.51
C ASN B 97 10.08 -30.08 4.00
N ARG B 98 8.86 -30.14 4.52
CA ARG B 98 8.62 -30.25 5.96
C ARG B 98 8.20 -31.65 6.44
N SER B 99 8.72 -32.05 7.60
CA SER B 99 8.35 -33.30 8.29
C SER B 99 8.56 -33.15 9.81
N HIS B 100 8.37 -34.24 10.56
CA HIS B 100 8.56 -34.27 12.02
C HIS B 100 9.51 -35.40 12.43
N THR B 101 10.29 -35.17 13.50
CA THR B 101 11.09 -36.24 14.11
C THR B 101 11.10 -35.99 15.61
N THR B 102 11.99 -36.67 16.34
CA THR B 102 12.14 -36.44 17.78
C THR B 102 13.55 -35.89 18.08
N ILE B 103 13.75 -35.32 19.27
CA ILE B 103 15.09 -34.88 19.68
C ILE B 103 16.12 -36.01 19.63
N ALA B 104 15.77 -37.20 20.13
CA ALA B 104 16.67 -38.35 20.09
C ALA B 104 17.05 -38.74 18.66
N LYS B 105 16.09 -38.69 17.76
CA LYS B 105 16.36 -39.12 16.40
C LYS B 105 17.16 -38.06 15.62
N TYR B 106 16.87 -36.77 15.83
CA TYR B 106 17.69 -35.77 15.14
C TYR B 106 19.13 -35.79 15.70
N ALA B 107 19.26 -36.02 17.00
CA ALA B 107 20.59 -36.07 17.65
C ALA B 107 21.52 -37.12 17.04
N GLN B 108 20.93 -38.29 16.78
CA GLN B 108 21.61 -39.37 16.07
C GLN B 108 22.13 -38.89 14.70
N TYR B 109 21.30 -38.14 13.97
CA TYR B 109 21.70 -37.58 12.67
C TYR B 109 22.78 -36.48 12.75
N GLN B 110 22.66 -35.56 13.71
CA GLN B 110 23.69 -34.54 13.95
C GLN B 110 25.06 -35.17 14.24
N ALA B 111 25.08 -36.22 15.05
CA ALA B 111 26.35 -36.89 15.44
C ALA B 111 26.97 -37.70 14.30
N SER B 112 26.17 -38.47 13.56
CA SER B 112 26.74 -39.26 12.47
C SER B 112 27.16 -38.36 11.30
N SER B 113 26.49 -37.22 11.16
CA SER B 113 26.89 -36.22 10.17
C SER B 113 28.35 -35.76 10.39
N PHE B 114 28.65 -35.40 11.63
CA PHE B 114 30.02 -35.02 12.02
C PHE B 114 31.05 -36.13 11.78
N GLN B 115 30.69 -37.36 12.16
CA GLN B 115 31.59 -38.50 11.99
C GLN B 115 31.88 -38.75 10.51
N GLU B 116 30.87 -38.58 9.69
CA GLU B 116 31.03 -38.76 8.25
C GLU B 116 32.00 -37.73 7.62
N SER B 117 31.97 -36.47 8.08
CA SER B 117 32.91 -35.49 7.52
C SER B 117 34.32 -35.68 8.10
N LEU B 118 34.41 -36.22 9.32
CA LEU B 118 35.71 -36.57 9.89
C LEU B 118 36.39 -37.60 9.01
N ARG B 119 35.63 -38.61 8.60
CA ARG B 119 36.17 -39.63 7.70
C ARG B 119 36.54 -39.05 6.34
N GLU B 120 35.72 -38.13 5.82
CA GLU B 120 36.02 -37.55 4.52
C GLU B 120 37.31 -36.73 4.54
N GLU B 121 37.46 -35.93 5.59
CA GLU B 121 38.65 -35.11 5.78
C GLU B 121 39.93 -35.94 5.94
N ASN B 122 39.80 -37.13 6.51
N ASN B 122 39.80 -37.15 6.50
CA ASN B 122 40.98 -37.95 6.74
CA ASN B 122 40.97 -37.98 6.80
C ASN B 122 41.48 -38.62 5.48
C ASN B 122 41.34 -39.03 5.74
N GLU B 123 40.55 -39.13 4.67
CA GLU B 123 40.93 -39.92 3.49
C GLU B 123 40.46 -39.24 2.20
N PRO B 149 25.52 -32.30 -8.76
CA PRO B 149 24.28 -32.36 -7.97
C PRO B 149 24.52 -31.99 -6.50
N PHE B 150 23.47 -31.49 -5.84
CA PHE B 150 23.61 -30.99 -4.47
C PHE B 150 23.29 -32.07 -3.45
N LYS B 151 24.02 -32.04 -2.35
CA LYS B 151 23.81 -32.94 -1.23
C LYS B 151 22.56 -32.53 -0.43
N THR B 152 21.90 -33.49 0.18
CA THR B 152 20.71 -33.23 0.99
C THR B 152 21.06 -33.16 2.47
N ILE B 153 20.59 -32.13 3.17
CA ILE B 153 20.74 -32.04 4.62
C ILE B 153 19.40 -31.84 5.34
N LYS B 154 19.41 -32.06 6.65
CA LYS B 154 18.22 -31.86 7.48
C LYS B 154 18.47 -30.88 8.62
N PHE B 155 17.50 -30.00 8.84
CA PHE B 155 17.57 -28.90 9.81
C PHE B 155 16.46 -29.07 10.86
N GLY B 156 16.83 -29.14 12.14
CA GLY B 156 15.86 -29.24 13.22
C GLY B 156 15.43 -27.87 13.72
N THR B 157 14.18 -27.50 13.44
N THR B 157 14.18 -27.49 13.45
CA THR B 157 13.70 -26.14 13.71
CA THR B 157 13.75 -26.13 13.74
C THR B 157 12.51 -26.08 14.66
C THR B 157 12.48 -26.06 14.59
N ASN B 158 12.25 -24.87 15.15
CA ASN B 158 11.04 -24.54 15.91
C ASN B 158 10.66 -25.52 17.02
N ILE B 159 11.66 -25.92 17.81
CA ILE B 159 11.43 -26.87 18.89
C ILE B 159 10.90 -26.12 20.13
N ASP B 160 9.77 -26.59 20.65
CA ASP B 160 8.97 -25.88 21.65
C ASP B 160 9.45 -26.12 23.10
N LEU B 161 10.06 -25.09 23.69
CA LEU B 161 10.56 -25.18 25.06
C LEU B 161 9.69 -24.39 26.05
N SER B 162 8.38 -24.33 25.79
CA SER B 162 7.49 -23.58 26.67
C SER B 162 7.16 -24.25 28.03
N ASP B 163 7.34 -25.57 28.14
CA ASP B 163 6.85 -26.29 29.32
C ASP B 163 7.85 -26.28 30.47
N ASN B 164 7.54 -25.53 31.53
CA ASN B 164 8.46 -25.33 32.64
C ASN B 164 8.72 -26.58 33.50
N LYS B 165 7.82 -27.55 33.46
CA LYS B 165 8.04 -28.81 34.19
C LYS B 165 8.97 -29.72 33.39
N LYS B 166 9.08 -29.51 32.08
CA LYS B 166 10.00 -30.30 31.26
C LYS B 166 11.39 -29.66 31.12
N TRP B 167 11.44 -28.34 31.25
CA TRP B 167 12.67 -27.59 30.96
C TRP B 167 13.02 -26.61 32.09
N LYS B 168 12.76 -27.01 33.34
CA LYS B 168 12.90 -26.11 34.49
C LYS B 168 14.29 -25.46 34.62
N LEU B 169 15.35 -26.26 34.50
CA LEU B 169 16.70 -25.75 34.66
C LEU B 169 17.16 -24.90 33.46
N GLN B 170 16.71 -25.28 32.26
CA GLN B 170 17.01 -24.50 31.06
C GLN B 170 16.46 -23.10 31.16
N LEU B 171 15.18 -22.99 31.52
CA LEU B 171 14.50 -21.71 31.55
C LEU B 171 14.99 -20.83 32.69
N HIS B 172 15.33 -21.46 33.82
CA HIS B 172 15.87 -20.70 34.96
C HIS B 172 17.18 -19.98 34.60
N GLU B 173 18.02 -20.65 33.82
CA GLU B 173 19.30 -20.10 33.44
C GLU B 173 19.12 -18.81 32.64
N LEU B 174 18.03 -18.72 31.89
CA LEU B 174 17.78 -17.54 31.05
C LEU B 174 17.26 -16.35 31.85
N THR B 175 16.94 -16.57 33.12
CA THR B 175 16.54 -15.48 34.01
C THR B 175 17.76 -14.67 34.48
N LYS B 176 18.96 -15.15 34.14
CA LYS B 176 20.20 -14.45 34.49
C LYS B 176 20.55 -13.33 33.51
N LEU B 177 19.75 -13.18 32.45
CA LEU B 177 19.97 -12.15 31.45
C LEU B 177 19.56 -10.79 31.98
N PRO B 178 20.12 -9.71 31.41
CA PRO B 178 19.60 -8.40 31.81
C PRO B 178 18.12 -8.28 31.43
N ALA B 179 17.35 -7.50 32.19
CA ALA B 179 15.90 -7.46 32.08
C ALA B 179 15.37 -7.22 30.66
N PHE B 180 16.01 -6.32 29.92
CA PHE B 180 15.51 -5.93 28.61
C PHE B 180 15.55 -7.08 27.61
N ALA B 181 16.30 -8.15 27.90
CA ALA B 181 16.40 -9.27 26.98
C ALA B 181 15.67 -10.55 27.45
N ARG B 182 15.01 -10.48 28.60
CA ARG B 182 14.39 -11.67 29.19
C ARG B 182 13.09 -12.04 28.47
N VAL B 183 12.74 -13.33 28.47
CA VAL B 183 11.44 -13.81 27.93
C VAL B 183 10.27 -13.15 28.65
N VAL B 184 10.45 -12.91 29.94
CA VAL B 184 9.40 -12.33 30.77
C VAL B 184 9.93 -11.12 31.51
N SER B 185 9.30 -9.96 31.33
CA SER B 185 9.63 -8.78 32.13
C SER B 185 8.53 -7.74 32.06
N ALA B 186 8.52 -6.83 33.03
CA ALA B 186 7.49 -5.79 33.10
C ALA B 186 7.66 -4.77 32.00
N GLY B 187 8.87 -4.69 31.43
CA GLY B 187 9.16 -3.78 30.33
C GLY B 187 8.98 -4.38 28.93
N ASN B 188 8.35 -5.56 28.86
CA ASN B 188 8.19 -6.29 27.60
C ASN B 188 6.69 -6.32 27.23
N LEU B 189 6.33 -5.73 26.08
CA LEU B 189 4.91 -5.70 25.66
C LEU B 189 4.31 -7.10 25.59
N LEU B 190 5.12 -8.09 25.24
CA LEU B 190 4.60 -9.46 25.08
C LEU B 190 4.24 -10.12 26.43
N THR B 191 4.76 -9.57 27.52
CA THR B 191 4.36 -10.01 28.85
C THR B 191 3.00 -9.42 29.22
N HIS B 192 2.68 -8.27 28.61
CA HIS B 192 1.40 -7.64 28.89
C HIS B 192 0.25 -8.20 28.05
N VAL B 193 0.57 -9.05 27.07
CA VAL B 193 -0.48 -9.76 26.33
C VAL B 193 -1.41 -10.51 27.29
N GLY B 194 -0.82 -11.17 28.28
CA GLY B 194 -1.62 -11.79 29.32
C GLY B 194 -1.92 -13.26 29.06
N HIS B 195 -1.41 -13.78 27.95
CA HIS B 195 -1.51 -15.21 27.66
C HIS B 195 -0.39 -15.65 26.73
N THR B 196 -0.21 -16.96 26.59
CA THR B 196 0.89 -17.50 25.80
C THR B 196 0.74 -17.26 24.30
N ILE B 197 1.80 -16.75 23.67
CA ILE B 197 1.92 -16.77 22.22
C ILE B 197 3.14 -17.60 21.87
N LEU B 198 2.88 -18.82 21.37
CA LEU B 198 3.93 -19.82 21.23
C LEU B 198 5.08 -19.37 20.33
N GLY B 199 6.30 -19.49 20.83
CA GLY B 199 7.47 -19.10 20.06
C GLY B 199 7.78 -17.62 20.11
N MET B 200 6.91 -16.83 20.74
CA MET B 200 7.15 -15.40 20.90
C MET B 200 7.44 -15.04 22.37
N ASN B 201 6.51 -15.31 23.28
CA ASN B 201 6.82 -15.17 24.71
C ASN B 201 7.13 -16.53 25.34
N THR B 202 7.55 -17.49 24.50
CA THR B 202 8.14 -18.74 24.95
C THR B 202 9.36 -19.05 24.06
N VAL B 203 10.26 -19.87 24.58
CA VAL B 203 11.53 -20.14 23.91
C VAL B 203 11.44 -21.21 22.82
N GLN B 204 12.13 -20.95 21.72
CA GLN B 204 12.27 -21.89 20.62
C GLN B 204 13.71 -22.38 20.51
N LEU B 205 13.88 -23.68 20.23
CA LEU B 205 15.21 -24.25 20.06
C LEU B 205 15.45 -24.71 18.62
N TYR B 206 16.71 -24.62 18.18
CA TYR B 206 17.14 -25.05 16.84
C TYR B 206 18.35 -25.99 16.95
N MET B 207 18.35 -27.10 16.20
CA MET B 207 19.49 -28.04 16.21
C MET B 207 19.99 -28.17 14.77
N LYS B 208 21.30 -27.98 14.54
CA LYS B 208 21.78 -27.80 13.17
C LYS B 208 22.98 -28.66 12.75
N VAL B 209 23.08 -28.87 11.44
CA VAL B 209 24.30 -29.33 10.78
C VAL B 209 24.76 -28.22 9.82
N PRO B 210 26.02 -28.29 9.32
CA PRO B 210 26.48 -27.22 8.43
C PRO B 210 25.58 -27.03 7.22
N GLY B 211 25.30 -25.77 6.87
CA GLY B 211 24.42 -25.47 5.75
C GLY B 211 22.93 -25.33 6.11
N SER B 212 22.56 -25.60 7.36
CA SER B 212 21.16 -25.43 7.80
C SER B 212 20.70 -23.96 7.76
N ARG B 213 19.66 -23.66 6.98
CA ARG B 213 19.28 -22.27 6.71
C ARG B 213 17.90 -21.89 7.22
N THR B 214 17.86 -20.72 7.86
CA THR B 214 16.63 -19.99 8.15
C THR B 214 16.48 -18.89 7.10
N PRO B 215 15.48 -19.03 6.21
CA PRO B 215 15.36 -18.13 5.04
C PRO B 215 14.89 -16.73 5.44
N GLY B 216 14.82 -15.85 4.44
CA GLY B 216 14.55 -14.44 4.68
C GLY B 216 13.18 -14.18 5.27
N HIS B 217 13.15 -13.31 6.28
CA HIS B 217 11.91 -12.99 6.96
C HIS B 217 12.03 -11.74 7.82
N GLN B 218 10.87 -11.19 8.20
CA GLN B 218 10.76 -10.27 9.32
C GLN B 218 10.04 -11.02 10.43
N GLU B 219 10.22 -10.58 11.69
CA GLU B 219 9.55 -11.21 12.83
C GLU B 219 8.03 -11.04 12.79
N ASN B 220 7.29 -11.93 13.49
CA ASN B 220 5.82 -11.80 13.57
C ASN B 220 5.45 -10.46 14.15
N ASN B 221 4.53 -9.75 13.48
CA ASN B 221 4.16 -8.37 13.81
C ASN B 221 5.34 -7.43 14.13
N ASN B 222 6.47 -7.67 13.46
CA ASN B 222 7.67 -6.82 13.57
C ASN B 222 8.23 -6.66 14.99
N PHE B 223 8.00 -7.62 15.87
CA PHE B 223 8.59 -7.52 17.21
C PHE B 223 10.09 -7.81 17.22
N CYS B 224 10.82 -7.15 18.12
CA CYS B 224 12.25 -7.46 18.28
C CYS B 224 12.49 -8.93 18.62
N SER B 225 13.73 -9.39 18.43
CA SER B 225 14.09 -10.77 18.68
C SER B 225 15.46 -10.90 19.36
N VAL B 226 15.65 -12.01 20.09
CA VAL B 226 16.93 -12.40 20.73
C VAL B 226 17.31 -13.79 20.26
N ASN B 227 18.57 -14.00 19.87
CA ASN B 227 19.07 -15.31 19.44
C ASN B 227 20.45 -15.54 20.08
N ILE B 228 20.62 -16.66 20.80
CA ILE B 228 21.92 -17.02 21.40
C ILE B 228 22.47 -18.29 20.75
N ASN B 229 23.73 -18.26 20.29
CA ASN B 229 24.36 -19.47 19.74
C ASN B 229 24.94 -20.36 20.87
N ILE B 230 24.53 -21.63 20.92
CA ILE B 230 25.01 -22.57 21.95
C ILE B 230 26.37 -23.17 21.60
N GLY B 231 26.66 -23.22 20.30
CA GLY B 231 27.85 -23.87 19.80
C GLY B 231 27.67 -25.39 19.67
N PRO B 232 28.77 -26.11 19.40
CA PRO B 232 30.16 -25.61 19.34
C PRO B 232 30.56 -24.86 18.06
N GLY B 233 29.78 -24.92 16.99
CA GLY B 233 30.11 -24.25 15.74
C GLY B 233 29.56 -22.83 15.61
N ASP B 234 29.88 -22.16 14.48
CA ASP B 234 29.48 -20.77 14.27
C ASP B 234 28.25 -20.68 13.35
N CYS B 235 27.53 -19.55 13.44
CA CYS B 235 26.47 -19.20 12.48
C CYS B 235 26.84 -17.94 11.69
N GLU B 236 26.30 -17.80 10.49
CA GLU B 236 26.55 -16.61 9.67
C GLU B 236 25.22 -15.92 9.39
N TRP B 237 25.19 -14.61 9.65
CA TRP B 237 23.98 -13.79 9.60
C TRP B 237 24.04 -12.79 8.46
N PHE B 238 22.88 -12.53 7.86
CA PHE B 238 22.69 -11.50 6.84
C PHE B 238 21.50 -10.61 7.23
N VAL B 239 21.70 -9.29 7.18
CA VAL B 239 20.73 -8.33 7.75
C VAL B 239 20.50 -7.09 6.85
N VAL B 240 19.25 -6.67 6.73
CA VAL B 240 18.85 -5.49 5.94
C VAL B 240 17.94 -4.60 6.80
N PRO B 241 18.21 -3.28 6.87
CA PRO B 241 17.41 -2.46 7.77
C PRO B 241 15.94 -2.40 7.35
N GLU B 242 15.06 -2.08 8.30
CA GLU B 242 13.61 -2.13 8.10
C GLU B 242 13.12 -1.26 6.93
N ASP B 243 13.74 -0.10 6.74
CA ASP B 243 13.20 0.85 5.75
C ASP B 243 13.46 0.40 4.30
N TYR B 244 14.18 -0.70 4.12
CA TYR B 244 14.36 -1.28 2.79
C TYR B 244 13.44 -2.48 2.49
N TRP B 245 12.54 -2.83 3.41
CA TRP B 245 11.78 -4.08 3.20
C TRP B 245 10.89 -4.00 1.96
N GLY B 246 10.44 -2.80 1.62
CA GLY B 246 9.62 -2.63 0.42
C GLY B 246 10.34 -3.00 -0.87
N VAL B 247 11.65 -2.83 -0.90
CA VAL B 247 12.46 -3.22 -2.05
C VAL B 247 12.47 -4.74 -2.20
N LEU B 248 12.67 -5.46 -1.09
CA LEU B 248 12.64 -6.91 -1.15
C LEU B 248 11.24 -7.45 -1.45
N ASN B 249 10.20 -6.84 -0.88
CA ASN B 249 8.83 -7.22 -1.22
C ASN B 249 8.57 -7.02 -2.72
N ASP B 250 9.15 -5.97 -3.29
CA ASP B 250 8.95 -5.69 -4.72
C ASP B 250 9.57 -6.80 -5.57
N PHE B 251 10.78 -7.25 -5.22
CA PHE B 251 11.39 -8.34 -5.96
C PHE B 251 10.52 -9.60 -5.90
N CYS B 252 10.10 -9.99 -4.69
CA CYS B 252 9.20 -11.14 -4.55
C CYS B 252 7.96 -11.05 -5.44
N GLU B 253 7.30 -9.89 -5.44
CA GLU B 253 6.06 -9.74 -6.22
C GLU B 253 6.27 -9.90 -7.72
N LYS B 254 7.46 -9.54 -8.19
CA LYS B 254 7.78 -9.60 -9.61
C LYS B 254 8.47 -10.90 -10.01
N ASN B 255 8.62 -11.81 -9.05
CA ASN B 255 9.24 -13.10 -9.33
C ASN B 255 8.44 -14.27 -8.76
N ASN B 256 7.14 -14.06 -8.63
CA ASN B 256 6.20 -15.10 -8.22
C ASN B 256 6.50 -15.69 -6.84
N LEU B 257 6.86 -14.83 -5.89
CA LEU B 257 7.10 -15.25 -4.51
C LEU B 257 6.22 -14.47 -3.53
N ASN B 258 5.74 -15.15 -2.49
CA ASN B 258 5.04 -14.45 -1.42
C ASN B 258 6.04 -14.06 -0.33
N PHE B 259 6.24 -12.75 -0.14
CA PHE B 259 7.26 -12.25 0.80
C PHE B 259 7.08 -12.84 2.19
N LEU B 260 5.84 -12.86 2.68
CA LEU B 260 5.58 -13.29 4.06
C LEU B 260 5.55 -14.82 4.24
N MET B 261 5.12 -15.53 3.20
N MET B 261 5.12 -15.53 3.19
CA MET B 261 4.82 -16.96 3.33
CA MET B 261 4.79 -16.95 3.34
C MET B 261 5.85 -17.89 2.68
C MET B 261 5.70 -17.94 2.57
N SER B 262 6.43 -17.47 1.56
CA SER B 262 7.35 -18.33 0.80
C SER B 262 8.74 -18.45 1.44
N SER B 263 9.50 -19.47 1.06
CA SER B 263 10.91 -19.60 1.46
C SER B 263 11.85 -19.03 0.39
N TRP B 264 12.57 -17.96 0.73
CA TRP B 264 13.48 -17.35 -0.25
C TRP B 264 14.84 -16.98 0.38
N TRP B 265 15.89 -17.04 -0.42
CA TRP B 265 17.27 -16.74 -0.01
C TRP B 265 17.86 -15.75 -0.99
N PRO B 266 18.02 -14.49 -0.57
CA PRO B 266 18.41 -13.42 -1.52
C PRO B 266 19.76 -13.64 -2.20
N ASN B 267 19.79 -13.35 -3.50
CA ASN B 267 21.03 -13.19 -4.25
C ASN B 267 21.66 -11.85 -3.92
N LEU B 268 22.84 -11.86 -3.32
CA LEU B 268 23.47 -10.62 -2.88
C LEU B 268 23.80 -9.67 -4.05
N GLU B 269 23.94 -10.21 -5.26
CA GLU B 269 24.25 -9.37 -6.41
C GLU B 269 23.01 -8.55 -6.81
N ASP B 270 21.84 -9.14 -6.65
CA ASP B 270 20.57 -8.43 -6.86
C ASP B 270 20.44 -7.27 -5.88
N LEU B 271 20.78 -7.51 -4.61
CA LEU B 271 20.63 -6.50 -3.59
C LEU B 271 21.62 -5.34 -3.82
N TYR B 272 22.84 -5.68 -4.21
CA TYR B 272 23.86 -4.67 -4.51
C TYR B 272 23.43 -3.81 -5.70
N GLU B 273 22.96 -4.45 -6.74
CA GLU B 273 22.44 -3.77 -7.93
C GLU B 273 21.29 -2.79 -7.59
N ALA B 274 20.46 -3.18 -6.63
CA ALA B 274 19.32 -2.34 -6.24
C ALA B 274 19.67 -1.34 -5.13
N ASN B 275 20.97 -1.23 -4.82
N ASN B 275 20.97 -1.23 -4.84
CA ASN B 275 21.50 -0.31 -3.82
CA ASN B 275 21.51 -0.30 -3.83
C ASN B 275 21.00 -0.56 -2.40
C ASN B 275 20.93 -0.56 -2.42
N VAL B 276 20.84 -1.83 -2.04
CA VAL B 276 20.42 -2.23 -0.69
C VAL B 276 21.63 -2.66 0.14
N PRO B 277 21.89 -1.99 1.26
CA PRO B 277 23.03 -2.39 2.10
C PRO B 277 22.75 -3.71 2.84
N VAL B 278 23.77 -4.55 2.99
CA VAL B 278 23.63 -5.82 3.71
C VAL B 278 24.66 -5.93 4.82
N TYR B 279 24.19 -6.03 6.06
CA TYR B 279 25.10 -6.26 7.19
C TYR B 279 25.39 -7.77 7.29
N ARG B 280 26.65 -8.17 7.29
CA ARG B 280 26.93 -9.59 7.52
C ARG B 280 28.02 -9.83 8.55
N PHE B 281 27.81 -10.85 9.38
CA PHE B 281 28.73 -11.13 10.50
C PHE B 281 28.67 -12.60 10.96
N ILE B 282 29.62 -12.98 11.80
CA ILE B 282 29.70 -14.34 12.37
C ILE B 282 29.24 -14.30 13.82
N GLN B 283 28.32 -15.19 14.16
CA GLN B 283 27.86 -15.35 15.53
C GLN B 283 28.53 -16.58 16.14
N ARG B 284 29.42 -16.36 17.10
CA ARG B 284 30.17 -17.44 17.75
C ARG B 284 29.43 -17.93 19.00
N PRO B 285 29.82 -19.11 19.54
CA PRO B 285 29.11 -19.61 20.73
C PRO B 285 29.17 -18.62 21.88
N GLY B 286 28.03 -18.40 22.52
CA GLY B 286 27.92 -17.39 23.57
C GLY B 286 27.59 -15.97 23.10
N ASP B 287 27.68 -15.70 21.81
CA ASP B 287 27.28 -14.37 21.30
C ASP B 287 25.74 -14.22 21.23
N LEU B 288 25.22 -13.10 21.74
CA LEU B 288 23.78 -12.80 21.65
C LEU B 288 23.51 -11.82 20.53
N VAL B 289 22.54 -12.14 19.67
CA VAL B 289 22.16 -11.27 18.57
C VAL B 289 20.82 -10.63 18.90
N TRP B 290 20.77 -9.30 18.88
CA TRP B 290 19.53 -8.56 19.08
C TRP B 290 19.03 -8.09 17.72
N ILE B 291 17.85 -8.53 17.30
CA ILE B 291 17.26 -8.10 16.02
C ILE B 291 16.23 -6.98 16.26
N ASN B 292 16.50 -5.78 15.73
CA ASN B 292 15.63 -4.65 16.01
C ASN B 292 14.29 -4.76 15.26
N ALA B 293 13.34 -3.89 15.56
CA ALA B 293 11.97 -4.06 15.07
C ALA B 293 11.88 -3.92 13.54
N GLY B 294 11.37 -4.96 12.88
CA GLY B 294 11.21 -4.94 11.42
C GLY B 294 12.44 -5.24 10.58
N THR B 295 13.57 -5.54 11.22
CA THR B 295 14.81 -5.83 10.50
C THR B 295 14.66 -7.13 9.70
N VAL B 296 15.00 -7.09 8.42
CA VAL B 296 14.92 -8.29 7.57
C VAL B 296 16.20 -9.11 7.76
N HIS B 297 16.07 -10.44 7.90
CA HIS B 297 17.27 -11.26 8.12
C HIS B 297 17.15 -12.70 7.64
N TRP B 298 18.30 -13.32 7.38
CA TRP B 298 18.39 -14.75 7.07
C TRP B 298 19.74 -15.31 7.60
N VAL B 299 19.79 -16.61 7.91
CA VAL B 299 20.91 -17.17 8.71
C VAL B 299 21.30 -18.56 8.21
N GLN B 300 22.58 -18.92 8.30
CA GLN B 300 22.97 -20.31 8.03
C GLN B 300 24.00 -20.80 9.06
N ALA B 301 23.95 -22.09 9.40
CA ALA B 301 25.01 -22.68 10.23
C ALA B 301 26.27 -22.87 9.39
N VAL B 302 27.43 -22.58 10.00
CA VAL B 302 28.71 -22.83 9.35
C VAL B 302 29.29 -24.16 9.87
N GLY B 303 29.07 -24.42 11.15
CA GLY B 303 29.46 -25.69 11.76
C GLY B 303 28.27 -26.46 12.33
N TRP B 304 28.56 -27.38 13.25
CA TRP B 304 27.52 -28.08 14.01
C TRP B 304 27.22 -27.28 15.28
N CYS B 305 25.95 -26.94 15.52
CA CYS B 305 25.58 -26.15 16.69
C CYS B 305 24.08 -26.18 16.99
N ASN B 306 23.69 -25.72 18.18
CA ASN B 306 22.29 -25.43 18.49
C ASN B 306 22.13 -23.92 18.74
N ASN B 307 20.91 -23.41 18.59
CA ASN B 307 20.55 -22.01 18.88
C ASN B 307 19.23 -21.94 19.68
N ILE B 308 19.06 -20.87 20.45
CA ILE B 308 17.77 -20.60 21.10
C ILE B 308 17.31 -19.17 20.77
N ALA B 309 16.00 -18.95 20.72
CA ALA B 309 15.49 -17.63 20.32
C ALA B 309 14.07 -17.36 20.86
N TRP B 310 13.72 -16.09 20.98
CA TRP B 310 12.38 -15.67 21.40
C TRP B 310 12.19 -14.21 20.99
N ASN B 311 11.01 -13.66 21.24
CA ASN B 311 10.73 -12.26 20.91
C ASN B 311 10.64 -11.40 22.15
N VAL B 312 10.87 -10.10 21.97
CA VAL B 312 10.73 -9.07 22.99
C VAL B 312 10.08 -7.80 22.39
N GLY B 313 9.20 -7.14 23.12
CA GLY B 313 8.65 -5.87 22.68
C GLY B 313 9.00 -4.68 23.58
N PRO B 314 10.03 -3.90 23.21
CA PRO B 314 10.35 -2.74 24.07
C PRO B 314 9.20 -1.72 24.11
N LEU B 315 9.09 -1.01 25.23
CA LEU B 315 8.08 0.03 25.36
C LEU B 315 8.44 1.32 24.61
N THR B 316 8.44 1.29 23.27
CA THR B 316 8.79 2.49 22.50
C THR B 316 7.77 2.80 21.43
N ALA B 317 7.70 4.07 21.03
CA ALA B 317 6.82 4.47 19.92
C ALA B 317 7.20 3.73 18.63
N CYS B 318 8.49 3.58 18.36
CA CYS B 318 8.93 2.85 17.17
C CYS B 318 8.39 1.41 17.14
N GLN B 319 8.56 0.69 18.25
CA GLN B 319 8.06 -0.70 18.32
C GLN B 319 6.53 -0.79 18.15
N TYR B 320 5.78 0.07 18.83
CA TYR B 320 4.32 0.03 18.73
C TYR B 320 3.86 0.38 17.30
N LYS B 321 4.43 1.44 16.73
CA LYS B 321 4.10 1.84 15.37
C LYS B 321 4.32 0.70 14.37
N LEU B 322 5.47 0.04 14.44
CA LEU B 322 5.81 -1.01 13.45
C LEU B 322 4.95 -2.27 13.63
N ALA B 323 4.53 -2.55 14.87
CA ALA B 323 3.63 -3.68 15.13
C ALA B 323 2.21 -3.42 14.59
N VAL B 324 1.69 -2.22 14.80
CA VAL B 324 0.38 -1.86 14.26
C VAL B 324 0.40 -1.87 12.71
N GLU B 325 1.45 -1.34 12.11
CA GLU B 325 1.58 -1.35 10.64
C GLU B 325 1.52 -2.76 10.05
N ARG B 326 2.25 -3.69 10.65
CA ARG B 326 2.30 -5.07 10.15
C ARG B 326 0.99 -5.79 10.46
N TYR B 327 0.35 -5.44 11.58
CA TYR B 327 -0.99 -5.93 11.91
C TYR B 327 -2.01 -5.56 10.81
N GLU B 328 -1.95 -4.33 10.32
CA GLU B 328 -2.87 -3.89 9.27
C GLU B 328 -2.50 -4.49 7.90
N TRP B 329 -1.20 -4.57 7.62
CA TRP B 329 -0.71 -5.17 6.39
C TRP B 329 -1.10 -6.64 6.27
N ASN B 330 -1.02 -7.39 7.38
CA ASN B 330 -1.42 -8.80 7.40
C ASN B 330 -2.89 -8.98 6.97
N LYS B 331 -3.72 -8.00 7.32
CA LYS B 331 -5.14 -8.07 6.94
C LYS B 331 -5.29 -8.04 5.41
N LEU B 332 -4.59 -7.11 4.77
CA LEU B 332 -4.62 -6.99 3.31
C LEU B 332 -4.13 -8.24 2.58
N LYS B 333 -3.17 -8.95 3.19
CA LYS B 333 -2.56 -10.13 2.60
C LYS B 333 -3.26 -11.44 2.99
N SER B 334 -4.33 -11.33 3.77
CA SER B 334 -5.05 -12.49 4.32
C SER B 334 -4.17 -13.43 5.13
N VAL B 335 -3.34 -12.84 6.00
CA VAL B 335 -2.46 -13.59 6.90
C VAL B 335 -2.82 -13.31 8.36
N LYS B 336 -2.88 -14.33 9.20
CA LYS B 336 -3.19 -14.11 10.62
C LYS B 336 -2.03 -13.42 11.35
N SER B 337 -2.35 -12.45 12.22
CA SER B 337 -1.37 -11.85 13.14
C SER B 337 -1.29 -12.66 14.45
N PRO B 338 -0.11 -13.22 14.75
CA PRO B 338 0.01 -13.95 16.03
C PRO B 338 -0.13 -13.05 17.27
N VAL B 339 0.13 -11.76 17.13
CA VAL B 339 -0.06 -10.82 18.26
C VAL B 339 -1.40 -10.06 18.12
N PRO B 340 -2.31 -10.22 19.09
CA PRO B 340 -3.61 -9.54 18.99
C PRO B 340 -3.57 -8.08 19.46
N MET B 341 -3.27 -7.17 18.53
CA MET B 341 -2.95 -5.78 18.89
C MET B 341 -4.10 -4.99 19.52
N VAL B 342 -5.36 -5.40 19.30
CA VAL B 342 -6.47 -4.74 20.00
C VAL B 342 -6.47 -5.14 21.49
N HIS B 343 -6.56 -6.44 21.74
CA HIS B 343 -6.42 -6.99 23.09
C HIS B 343 -5.20 -6.40 23.82
N LEU B 344 -4.07 -6.38 23.15
CA LEU B 344 -2.84 -5.89 23.77
C LEU B 344 -2.96 -4.41 24.13
N SER B 345 -3.47 -3.61 23.20
CA SER B 345 -3.62 -2.17 23.43
C SER B 345 -4.48 -1.85 24.67
N TRP B 346 -5.59 -2.57 24.87
CA TRP B 346 -6.40 -2.33 26.07
C TRP B 346 -5.65 -2.67 27.35
N ASN B 347 -4.90 -3.77 27.35
CA ASN B 347 -4.08 -4.14 28.51
C ASN B 347 -2.96 -3.13 28.80
N MET B 348 -2.36 -2.57 27.75
CA MET B 348 -1.35 -1.52 27.93
C MET B 348 -2.00 -0.34 28.66
N ALA B 349 -3.21 0.02 28.26
CA ALA B 349 -3.93 1.16 28.86
C ALA B 349 -4.30 0.89 30.32
N ARG B 350 -4.58 -0.37 30.63
CA ARG B 350 -4.84 -0.79 32.01
C ARG B 350 -3.61 -0.80 32.92
N ASN B 351 -2.49 -1.32 32.41
CA ASN B 351 -1.36 -1.65 33.29
C ASN B 351 -0.16 -0.72 33.22
N ILE B 352 -0.07 0.11 32.19
CA ILE B 352 1.19 0.83 31.95
C ILE B 352 1.03 2.34 32.02
N LYS B 353 1.88 2.99 32.81
CA LYS B 353 1.92 4.44 32.83
C LYS B 353 2.87 4.97 31.77
N VAL B 354 2.32 5.60 30.74
CA VAL B 354 3.13 6.03 29.60
C VAL B 354 3.59 7.48 29.73
N SER B 355 4.90 7.71 29.57
CA SER B 355 5.45 9.05 29.70
C SER B 355 6.07 9.64 28.42
N ASP B 356 6.15 8.86 27.34
CA ASP B 356 6.57 9.42 26.05
C ASP B 356 5.34 9.91 25.27
N PRO B 357 5.31 11.20 24.90
CA PRO B 357 4.17 11.78 24.21
C PRO B 357 3.81 11.12 22.87
N LYS B 358 4.81 10.71 22.08
CA LYS B 358 4.53 10.12 20.77
C LYS B 358 3.84 8.78 20.94
N LEU B 359 4.41 7.94 21.80
CA LEU B 359 3.85 6.63 22.11
C LEU B 359 2.45 6.77 22.70
N PHE B 360 2.30 7.69 23.65
CA PHE B 360 0.98 7.90 24.26
C PHE B 360 -0.07 8.27 23.21
N GLU B 361 0.30 9.15 22.29
CA GLU B 361 -0.65 9.61 21.27
C GLU B 361 -1.06 8.49 20.32
N MET B 362 -0.10 7.63 19.94
CA MET B 362 -0.44 6.47 19.10
C MET B 362 -1.45 5.53 19.79
N ILE B 363 -1.21 5.23 21.07
CA ILE B 363 -2.11 4.31 21.78
C ILE B 363 -3.51 4.91 21.98
N LYS B 364 -3.54 6.17 22.40
CA LYS B 364 -4.80 6.88 22.63
C LYS B 364 -5.64 6.92 21.36
N TYR B 365 -4.97 7.19 20.23
CA TYR B 365 -5.62 7.23 18.92
C TYR B 365 -6.22 5.87 18.55
N CYS B 366 -5.45 4.79 18.71
CA CYS B 366 -5.96 3.46 18.41
C CYS B 366 -7.16 3.09 19.29
N LEU B 367 -7.09 3.38 20.59
CA LEU B 367 -8.16 3.00 21.50
C LEU B 367 -9.46 3.76 21.22
N LEU B 368 -9.34 5.02 20.84
CA LEU B 368 -10.53 5.80 20.49
C LEU B 368 -11.23 5.23 19.27
N LYS B 369 -10.44 4.87 18.26
CA LYS B 369 -10.98 4.30 17.04
C LYS B 369 -11.72 2.98 17.30
N ILE B 370 -11.07 2.09 18.04
CA ILE B 370 -11.66 0.81 18.43
C ILE B 370 -12.97 0.98 19.18
N LEU B 371 -12.95 1.90 20.15
CA LEU B 371 -14.07 2.12 21.06
C LEU B 371 -15.29 2.65 20.33
N LYS B 372 -15.06 3.60 19.43
CA LYS B 372 -16.12 4.18 18.62
C LYS B 372 -16.79 3.14 17.74
N GLN B 373 -15.96 2.43 16.96
N GLN B 373 -15.99 2.39 16.98
CA GLN B 373 -16.40 1.41 16.00
CA GLN B 373 -16.56 1.48 16.00
C GLN B 373 -17.27 0.39 16.71
C GLN B 373 -17.22 0.27 16.66
N TYR B 374 -16.84 0.00 17.90
CA TYR B 374 -17.57 -0.96 18.73
C TYR B 374 -18.92 -0.38 19.17
N GLN B 375 -18.91 0.87 19.62
CA GLN B 375 -20.13 1.53 20.10
C GLN B 375 -21.21 1.62 19.01
N THR B 376 -20.78 1.95 17.80
CA THR B 376 -21.67 2.02 16.65
C THR B 376 -22.35 0.70 16.34
N LEU B 377 -21.52 -0.35 16.23
CA LEU B 377 -22.01 -1.69 15.93
C LEU B 377 -22.99 -2.18 16.99
N ARG B 378 -22.65 -2.01 18.27
CA ARG B 378 -23.50 -2.50 19.35
C ARG B 378 -24.88 -1.88 19.28
N GLU B 379 -24.92 -0.59 19.00
CA GLU B 379 -26.20 0.11 18.94
C GLU B 379 -27.00 -0.24 17.69
N ALA B 380 -26.30 -0.56 16.60
CA ALA B 380 -26.99 -0.97 15.38
C ALA B 380 -27.67 -2.33 15.58
N LEU B 381 -26.93 -3.27 16.18
CA LEU B 381 -27.45 -4.59 16.50
C LEU B 381 -28.70 -4.52 17.41
N VAL B 382 -28.65 -3.67 18.43
CA VAL B 382 -29.78 -3.56 19.35
C VAL B 382 -30.98 -2.88 18.66
N ALA B 383 -30.69 -1.91 17.79
CA ALA B 383 -31.73 -1.20 17.04
C ALA B 383 -32.51 -2.12 16.09
N ALA B 384 -31.88 -3.20 15.64
CA ALA B 384 -32.55 -4.15 14.77
C ALA B 384 -33.03 -5.37 15.57
N GLY B 385 -33.24 -5.17 16.86
CA GLY B 385 -33.85 -6.19 17.71
C GLY B 385 -32.98 -7.38 18.08
N LYS B 386 -31.66 -7.24 18.00
CA LYS B 386 -30.80 -8.36 18.32
C LYS B 386 -30.33 -8.29 19.77
N GLU B 387 -30.65 -9.31 20.56
CA GLU B 387 -30.28 -9.34 21.97
C GLU B 387 -28.76 -9.48 22.18
N VAL B 388 -28.17 -8.59 22.97
CA VAL B 388 -26.76 -8.73 23.32
C VAL B 388 -26.63 -9.47 24.64
N ILE B 389 -26.12 -10.69 24.58
CA ILE B 389 -26.07 -11.54 25.76
C ILE B 389 -24.73 -11.45 26.50
N TRP B 390 -24.77 -11.14 27.79
CA TRP B 390 -23.55 -11.04 28.60
C TRP B 390 -22.86 -12.39 28.73
N HIS B 391 -21.58 -12.44 28.39
CA HIS B 391 -20.85 -13.70 28.37
C HIS B 391 -19.59 -13.64 29.25
N GLY B 392 -18.93 -12.48 29.31
CA GLY B 392 -17.75 -12.32 30.15
C GLY B 392 -16.58 -13.21 29.77
N ARG B 393 -15.59 -13.31 30.67
CA ARG B 393 -14.40 -14.12 30.41
C ARG B 393 -13.60 -14.40 31.68
N THR B 394 -12.69 -15.37 31.61
CA THR B 394 -11.73 -15.59 32.69
C THR B 394 -10.53 -14.66 32.48
N ASN B 395 -9.77 -14.43 33.55
CA ASN B 395 -8.67 -13.47 33.51
C ASN B 395 -7.56 -13.87 32.54
N ASP B 396 -7.28 -15.16 32.44
CA ASP B 396 -6.20 -15.65 31.61
C ASP B 396 -6.68 -16.10 30.23
N GLU B 397 -7.92 -15.77 29.90
CA GLU B 397 -8.52 -16.18 28.63
C GLU B 397 -7.93 -15.41 27.45
N PRO B 398 -7.50 -16.12 26.41
CA PRO B 398 -6.83 -15.50 25.25
C PRO B 398 -7.75 -14.62 24.39
N ALA B 399 -7.15 -13.80 23.54
CA ALA B 399 -7.88 -13.04 22.53
C ALA B 399 -8.54 -14.02 21.54
N HIS B 400 -9.61 -13.59 20.89
CA HIS B 400 -10.28 -14.45 19.92
C HIS B 400 -10.10 -13.98 18.46
N TYR B 401 -10.08 -14.95 17.55
CA TYR B 401 -9.96 -14.69 16.12
C TYR B 401 -11.13 -15.32 15.36
N CYS B 402 -11.50 -14.77 14.21
CA CYS B 402 -12.60 -15.33 13.40
C CYS B 402 -12.27 -16.74 12.88
N SER B 403 -13.17 -17.69 13.10
CA SER B 403 -12.94 -19.08 12.67
C SER B 403 -12.92 -19.26 11.16
N ILE B 404 -13.44 -18.27 10.43
CA ILE B 404 -13.39 -18.25 8.98
C ILE B 404 -12.18 -17.48 8.41
N CYS B 405 -12.11 -16.17 8.70
CA CYS B 405 -11.09 -15.31 8.07
C CYS B 405 -9.85 -15.01 8.92
N GLU B 406 -9.88 -15.42 10.19
CA GLU B 406 -8.77 -15.29 11.13
C GLU B 406 -8.38 -13.86 11.53
N VAL B 407 -9.27 -12.89 11.32
CA VAL B 407 -9.09 -11.54 11.86
C VAL B 407 -9.32 -11.55 13.37
N GLU B 408 -8.63 -10.69 14.12
CA GLU B 408 -8.94 -10.56 15.55
C GLU B 408 -10.39 -10.06 15.72
N VAL B 409 -11.12 -10.65 16.65
CA VAL B 409 -12.46 -10.18 16.98
C VAL B 409 -12.48 -9.69 18.43
N PHE B 410 -12.92 -8.46 18.64
CA PHE B 410 -12.87 -7.89 19.98
C PHE B 410 -14.23 -7.58 20.60
N ASN B 411 -14.43 -8.16 21.79
CA ASN B 411 -15.57 -7.94 22.68
C ASN B 411 -16.85 -8.65 22.21
N LEU B 412 -17.43 -8.18 21.11
CA LEU B 412 -18.64 -8.80 20.55
C LEU B 412 -18.33 -10.04 19.69
N LEU B 413 -18.77 -11.20 20.15
CA LEU B 413 -18.47 -12.47 19.47
C LEU B 413 -19.72 -13.01 18.77
N PHE B 414 -19.60 -13.38 17.49
CA PHE B 414 -20.74 -13.89 16.75
C PHE B 414 -20.69 -15.40 16.68
N VAL B 415 -21.65 -16.04 17.34
CA VAL B 415 -21.66 -17.48 17.52
C VAL B 415 -23.00 -18.04 17.00
N THR B 416 -23.00 -19.20 16.35
CA THR B 416 -24.27 -19.75 15.85
C THR B 416 -25.18 -20.20 16.98
N ASN B 417 -26.49 -20.23 16.74
CA ASN B 417 -27.43 -20.72 17.74
C ASN B 417 -27.05 -22.08 18.26
N GLU B 418 -26.61 -22.94 17.36
CA GLU B 418 -26.25 -24.30 17.72
C GLU B 418 -24.96 -24.37 18.56
N SER B 419 -23.95 -23.58 18.18
CA SER B 419 -22.68 -23.57 18.94
C SER B 419 -22.89 -22.99 20.32
N ASN B 420 -23.72 -21.96 20.41
CA ASN B 420 -24.11 -21.39 21.68
C ASN B 420 -24.83 -22.42 22.59
N THR B 421 -25.72 -23.21 22.01
CA THR B 421 -26.43 -24.22 22.80
C THR B 421 -25.48 -25.32 23.27
N GLN B 422 -24.56 -25.72 22.42
CA GLN B 422 -23.63 -26.80 22.75
C GLN B 422 -22.44 -26.34 23.59
N LYS B 423 -22.37 -25.03 23.84
CA LYS B 423 -21.29 -24.44 24.63
C LYS B 423 -19.91 -24.72 24.05
N THR B 424 -19.82 -24.69 22.72
CA THR B 424 -18.52 -24.72 22.04
C THR B 424 -18.05 -23.29 21.75
N TYR B 425 -19.01 -22.38 21.61
CA TYR B 425 -18.74 -20.96 21.39
C TYR B 425 -17.71 -20.68 20.29
N ILE B 426 -17.99 -21.11 19.07
CA ILE B 426 -17.07 -20.91 17.95
C ILE B 426 -17.21 -19.50 17.33
N VAL B 427 -16.17 -18.68 17.45
CA VAL B 427 -16.24 -17.25 17.13
C VAL B 427 -16.18 -16.88 15.63
N HIS B 428 -17.09 -15.99 15.23
CA HIS B 428 -17.06 -15.35 13.90
C HIS B 428 -16.94 -13.84 14.05
N CYS B 429 -16.35 -13.16 13.07
CA CYS B 429 -16.50 -11.70 12.97
C CYS B 429 -17.87 -11.35 12.41
N HIS B 430 -18.24 -10.08 12.53
CA HIS B 430 -19.54 -9.61 12.06
C HIS B 430 -19.74 -9.82 10.55
N ASP B 431 -18.72 -9.49 9.75
CA ASP B 431 -18.81 -9.64 8.30
C ASP B 431 -18.95 -11.09 7.80
N CYS B 432 -18.21 -12.02 8.39
CA CYS B 432 -18.32 -13.42 7.97
C CYS B 432 -19.69 -13.99 8.36
N ALA B 433 -20.23 -13.54 9.49
CA ALA B 433 -21.54 -13.99 9.96
C ALA B 433 -22.65 -13.50 9.03
N ARG B 434 -22.57 -12.21 8.70
N ARG B 434 -22.59 -12.22 8.67
CA ARG B 434 -23.51 -11.54 7.80
CA ARG B 434 -23.60 -11.63 7.80
C ARG B 434 -23.56 -12.21 6.42
C ARG B 434 -23.58 -12.23 6.40
N LYS B 435 -22.39 -12.54 5.90
CA LYS B 435 -22.27 -13.22 4.62
C LYS B 435 -22.94 -14.60 4.61
N THR B 436 -23.03 -15.24 5.77
CA THR B 436 -23.64 -16.57 5.91
C THR B 436 -25.14 -16.45 6.15
N SER B 437 -25.53 -15.46 6.94
CA SER B 437 -26.88 -15.31 7.45
C SER B 437 -27.31 -13.84 7.41
N LYS B 438 -28.08 -13.47 6.38
CA LYS B 438 -28.27 -12.06 6.02
C LYS B 438 -28.83 -11.19 7.15
N SER B 439 -29.69 -11.75 7.98
CA SER B 439 -30.22 -10.98 9.10
C SER B 439 -29.68 -11.47 10.44
N LEU B 440 -28.63 -12.28 10.39
CA LEU B 440 -28.04 -12.89 11.59
C LEU B 440 -29.07 -13.74 12.33
N GLU B 441 -30.04 -14.30 11.60
CA GLU B 441 -31.06 -15.13 12.23
C GLU B 441 -30.47 -16.45 12.74
N ASN B 442 -29.29 -16.83 12.21
CA ASN B 442 -28.59 -18.05 12.61
C ASN B 442 -27.57 -17.86 13.76
N PHE B 443 -27.44 -16.64 14.25
CA PHE B 443 -26.38 -16.28 15.22
C PHE B 443 -26.91 -15.65 16.51
N VAL B 444 -26.15 -15.78 17.60
CA VAL B 444 -26.34 -14.94 18.79
C VAL B 444 -25.10 -14.02 18.96
N VAL B 445 -25.28 -12.91 19.66
CA VAL B 445 -24.18 -11.99 19.97
C VAL B 445 -23.74 -12.06 21.44
N LEU B 446 -22.50 -12.43 21.68
CA LEU B 446 -21.97 -12.54 23.04
C LEU B 446 -21.08 -11.35 23.35
N GLU B 447 -21.08 -10.91 24.61
CA GLU B 447 -20.27 -9.76 25.03
C GLU B 447 -19.34 -10.13 26.17
N GLN B 448 -18.06 -9.80 26.03
CA GLN B 448 -17.06 -10.20 27.02
C GLN B 448 -16.68 -9.06 27.97
N TYR B 449 -16.84 -7.83 27.51
CA TYR B 449 -16.49 -6.65 28.30
C TYR B 449 -17.66 -5.68 28.32
N LYS B 450 -18.02 -5.22 29.51
CA LYS B 450 -19.09 -4.22 29.66
C LYS B 450 -18.60 -2.88 29.14
N MET B 451 -19.48 -2.13 28.49
CA MET B 451 -19.05 -0.88 27.86
C MET B 451 -18.59 0.16 28.88
N GLU B 452 -19.21 0.19 30.04
CA GLU B 452 -18.82 1.14 31.09
C GLU B 452 -17.36 0.93 31.49
N ASP B 453 -16.95 -0.34 31.59
CA ASP B 453 -15.60 -0.68 32.00
C ASP B 453 -14.56 -0.22 30.97
N LEU B 454 -14.91 -0.33 29.69
CA LEU B 454 -14.04 0.13 28.61
C LEU B 454 -13.95 1.64 28.58
N ILE B 455 -15.08 2.31 28.80
CA ILE B 455 -15.10 3.78 28.83
C ILE B 455 -14.25 4.30 30.00
N GLN B 456 -14.31 3.60 31.12
CA GLN B 456 -13.49 3.93 32.28
C GLN B 456 -12.01 3.86 31.94
N VAL B 457 -11.59 2.70 31.43
CA VAL B 457 -10.19 2.47 31.07
C VAL B 457 -9.66 3.56 30.15
N TYR B 458 -10.43 3.90 29.13
CA TYR B 458 -10.03 4.93 28.18
C TYR B 458 -9.84 6.29 28.84
N ASP B 459 -10.83 6.71 29.62
CA ASP B 459 -10.79 8.02 30.29
C ASP B 459 -9.62 8.14 31.25
N GLN B 460 -9.31 7.04 31.94
CA GLN B 460 -8.25 7.04 32.93
C GLN B 460 -6.85 6.89 32.32
N PHE B 461 -6.75 6.76 31.00
CA PHE B 461 -5.45 6.61 30.35
C PHE B 461 -4.90 7.99 30.00
N THR B 462 -3.90 8.44 30.78
CA THR B 462 -3.38 9.80 30.63
C THR B 462 -1.84 9.86 30.59
N LEU B 463 -1.34 10.93 29.99
CA LEU B 463 0.10 11.14 29.80
C LEU B 463 0.77 11.63 31.08
N ALA B 464 1.66 10.79 31.61
CA ALA B 464 2.44 11.07 32.82
C ALA B 464 3.63 11.95 32.50
N LEU B 465 3.97 12.83 33.43
CA LEU B 465 5.22 13.57 33.28
C LEU B 465 6.38 12.78 33.86
N SER B 466 7.35 12.47 33.00
CA SER B 466 8.63 11.95 33.45
C SER B 466 9.73 12.81 32.85
N LEU B 467 10.77 13.09 33.63
CA LEU B 467 11.93 13.82 33.13
C LEU B 467 12.94 12.85 32.53
N SER B 468 12.69 11.56 32.71
CA SER B 468 13.66 10.56 32.32
C SER B 468 13.55 10.27 30.84
N SER B 469 14.59 9.64 30.29
CA SER B 469 14.68 9.36 28.87
C SER B 469 13.89 8.11 28.47
N SER B 470 13.29 7.43 29.45
CA SER B 470 12.46 6.26 29.15
C SER B 470 11.07 6.69 28.64
N SER B 471 10.46 5.83 27.82
CA SER B 471 9.20 6.15 27.14
C SER B 471 7.95 5.82 27.96
N ALA B 472 8.09 4.85 28.86
CA ALA B 472 6.98 4.41 29.69
C ALA B 472 7.48 3.52 30.83
N GLU B 473 6.64 3.33 31.83
CA GLU B 473 6.96 2.47 32.97
C GLU B 473 5.74 1.61 33.32
N ASN B 474 5.96 0.32 33.48
CA ASN B 474 4.89 -0.56 33.95
C ASN B 474 4.39 -0.16 35.33
N LEU B 475 3.14 0.30 35.39
CA LEU B 475 2.51 0.66 36.67
C LEU B 475 1.72 -0.53 37.24
#